data_9GN3
#
_entry.id   9GN3
#
_cell.length_a   130.631
_cell.length_b   130.631
_cell.length_c   100.582
_cell.angle_alpha   90.00
_cell.angle_beta   90.00
_cell.angle_gamma   120.00
#
_symmetry.space_group_name_H-M   'P 3 2 1'
#
loop_
_entity.id
_entity.type
_entity.pdbx_description
1 polymer 'Regulatory protein MsrR'
2 water water
#
_entity_poly.entity_id   1
_entity_poly.type   'polypeptide(L)'
_entity_poly.pdbx_seq_one_letter_code
;MGQVEVFNGQDTRDGVNILIMGTDGRIGQNSVETRTDSIMVLNVGGSDKKMKLVSFMRDNLVYIDGYSQVINGRKQTDNK
LNVAYELGEQEGQKGAEMVRQVLKDNFDLDIKYYALVDFQAFATAIDTLFPDGVTIDAQFSTLNGRPLTEATVGDDLYAT
ETESPTQTIKVGKQQMNGSTLLNYARFRDDDEADYGRTKRQQQVLTAILEQIKDPTKLFTGSEALGKVFAMTSTNVPYTF
LLTNGLSVLDGAKNGIEKLTIPELGDWVDAYDVYGGLGLLVDQNKYQTKLAQMGLRAAALEHHHHHH
;
_entity_poly.pdbx_strand_id   A,B,C
#
# COMPACT_ATOMS: atom_id res chain seq x y z
N GLY A 2 26.81 15.97 -17.31
CA GLY A 2 28.01 16.68 -17.81
C GLY A 2 29.18 16.52 -16.84
N GLN A 3 30.35 17.09 -17.17
CA GLN A 3 31.62 16.58 -16.64
C GLN A 3 31.55 16.40 -15.12
N VAL A 4 31.54 17.47 -14.33
CA VAL A 4 31.60 17.30 -12.89
C VAL A 4 30.23 16.83 -12.36
N GLU A 5 30.26 15.81 -11.48
CA GLU A 5 29.07 15.21 -10.90
C GLU A 5 29.39 14.82 -9.46
N VAL A 6 28.55 15.28 -8.52
CA VAL A 6 28.55 14.77 -7.16
C VAL A 6 28.07 13.32 -7.16
N PHE A 7 28.57 12.49 -6.24
CA PHE A 7 28.09 11.12 -6.10
C PHE A 7 28.40 10.60 -4.69
N ASN A 8 27.38 10.14 -3.99
CA ASN A 8 27.52 9.48 -2.70
C ASN A 8 27.21 8.00 -2.91
N GLY A 9 28.11 7.33 -3.64
CA GLY A 9 28.07 5.91 -3.93
C GLY A 9 27.90 5.06 -2.66
N GLN A 10 27.16 3.95 -2.80
CA GLN A 10 27.04 2.99 -1.71
C GLN A 10 27.36 1.60 -2.27
N ASP A 11 27.79 0.71 -1.35
CA ASP A 11 28.17 -0.66 -1.65
C ASP A 11 26.94 -1.55 -1.63
N THR A 12 27.04 -2.65 -2.38
CA THR A 12 25.98 -3.65 -2.44
C THR A 12 26.52 -4.95 -1.87
N ARG A 13 25.63 -5.89 -1.52
CA ARG A 13 26.05 -7.11 -0.83
C ARG A 13 26.84 -8.03 -1.75
N ASP A 14 26.55 -8.00 -3.07
CA ASP A 14 27.18 -8.89 -4.01
C ASP A 14 27.54 -8.16 -5.29
N GLY A 15 28.83 -8.17 -5.64
CA GLY A 15 29.35 -7.39 -6.75
C GLY A 15 29.37 -5.90 -6.44
N VAL A 16 29.49 -5.13 -7.54
CA VAL A 16 29.50 -3.67 -7.53
C VAL A 16 28.53 -3.21 -8.61
N ASN A 17 27.58 -2.34 -8.22
CA ASN A 17 26.64 -1.69 -9.14
C ASN A 17 27.18 -0.35 -9.64
N ILE A 18 27.21 -0.23 -10.97
CA ILE A 18 27.67 0.95 -11.68
C ILE A 18 26.52 1.52 -12.50
N LEU A 19 26.11 2.76 -12.19
CA LEU A 19 25.13 3.51 -12.98
C LEU A 19 25.75 4.00 -14.28
N ILE A 20 25.13 3.67 -15.42
CA ILE A 20 25.66 4.09 -16.72
C ILE A 20 24.57 4.85 -17.47
N MET A 21 24.90 6.05 -17.97
CA MET A 21 23.92 6.93 -18.58
C MET A 21 24.49 7.54 -19.84
N GLY A 22 23.65 7.55 -20.87
CA GLY A 22 23.88 8.34 -22.05
C GLY A 22 23.07 9.63 -21.95
N THR A 23 23.72 10.76 -22.29
CA THR A 23 23.07 12.06 -22.40
C THR A 23 23.13 12.55 -23.84
N ASP A 24 22.24 13.50 -24.16
CA ASP A 24 22.05 13.94 -25.53
C ASP A 24 22.93 15.13 -25.93
N GLY A 25 23.76 15.66 -25.01
CA GLY A 25 24.58 16.83 -25.32
C GLY A 25 25.66 16.51 -26.36
N ARG A 26 26.45 17.53 -26.74
CA ARG A 26 27.65 17.36 -27.56
C ARG A 26 28.88 17.72 -26.71
N ILE A 27 30.06 17.17 -27.04
CA ILE A 27 31.30 17.37 -26.26
C ILE A 27 31.46 18.86 -25.95
N GLY A 28 31.04 19.28 -24.74
CA GLY A 28 31.15 20.65 -24.28
C GLY A 28 29.83 21.45 -24.36
N GLN A 29 28.89 21.14 -23.46
CA GLN A 29 27.71 21.96 -23.23
C GLN A 29 27.10 21.50 -21.90
N ASN A 30 26.65 20.24 -21.85
CA ASN A 30 26.32 19.56 -20.61
C ASN A 30 25.26 20.28 -19.77
N SER A 31 25.02 19.72 -18.58
CA SER A 31 24.21 20.32 -17.53
C SER A 31 22.76 20.58 -17.98
N VAL A 32 22.32 21.85 -17.99
CA VAL A 32 20.92 22.19 -18.13
C VAL A 32 20.45 22.11 -19.58
N GLU A 33 21.38 21.82 -20.52
CA GLU A 33 21.01 21.64 -21.91
C GLU A 33 21.03 20.16 -22.30
N THR A 34 20.98 19.25 -21.31
CA THR A 34 21.14 17.83 -21.58
C THR A 34 19.96 17.05 -21.03
N ARG A 35 19.66 15.95 -21.72
CA ARG A 35 18.65 14.98 -21.33
C ARG A 35 19.27 13.59 -21.34
N THR A 36 18.70 12.68 -20.51
CA THR A 36 19.09 11.28 -20.46
C THR A 36 18.37 10.46 -21.53
N ASP A 37 19.17 9.80 -22.40
CA ASP A 37 18.67 8.91 -23.42
C ASP A 37 18.75 7.43 -23.00
N SER A 38 19.43 7.14 -21.88
CA SER A 38 19.77 5.77 -21.51
C SER A 38 20.11 5.71 -20.03
N ILE A 39 19.49 4.77 -19.32
CA ILE A 39 19.74 4.57 -17.91
C ILE A 39 19.90 3.07 -17.65
N MET A 40 21.10 2.66 -17.23
CA MET A 40 21.46 1.28 -16.97
C MET A 40 22.22 1.14 -15.66
N VAL A 41 22.12 -0.02 -15.02
CA VAL A 41 22.94 -0.42 -13.89
C VAL A 41 23.63 -1.73 -14.25
N LEU A 42 24.96 -1.72 -14.15
CA LEU A 42 25.81 -2.87 -14.46
C LEU A 42 26.39 -3.37 -13.15
N ASN A 43 26.20 -4.66 -12.86
CA ASN A 43 26.74 -5.33 -11.69
C ASN A 43 27.92 -6.19 -12.15
N VAL A 44 29.08 -5.92 -11.56
CA VAL A 44 30.30 -6.69 -11.83
C VAL A 44 30.89 -7.23 -10.52
N GLY A 45 31.64 -8.33 -10.64
CA GLY A 45 32.38 -8.93 -9.54
C GLY A 45 31.50 -9.60 -8.49
N GLY A 46 30.27 -10.00 -8.85
CA GLY A 46 29.41 -10.82 -8.00
C GLY A 46 29.96 -12.23 -7.80
N SER A 47 29.49 -12.93 -6.77
CA SER A 47 30.03 -14.21 -6.39
C SER A 47 29.75 -15.26 -7.49
N ASP A 48 28.59 -15.16 -8.16
CA ASP A 48 28.22 -16.09 -9.21
C ASP A 48 29.07 -15.93 -10.46
N LYS A 49 29.99 -14.96 -10.50
CA LYS A 49 30.93 -14.79 -11.60
C LYS A 49 30.24 -14.34 -12.89
N LYS A 50 29.00 -13.86 -12.81
CA LYS A 50 28.28 -13.38 -13.99
C LYS A 50 28.01 -11.89 -13.90
N MET A 51 28.20 -11.18 -15.01
CA MET A 51 27.83 -9.78 -15.09
C MET A 51 26.34 -9.65 -15.34
N LYS A 52 25.70 -8.65 -14.70
CA LYS A 52 24.30 -8.32 -14.91
C LYS A 52 24.17 -6.87 -15.41
N LEU A 53 23.24 -6.64 -16.34
CA LEU A 53 22.92 -5.33 -16.89
C LEU A 53 21.41 -5.10 -16.89
N VAL A 54 20.97 -4.02 -16.26
CA VAL A 54 19.55 -3.69 -16.14
C VAL A 54 19.34 -2.30 -16.75
N SER A 55 18.44 -2.22 -17.73
CA SER A 55 17.96 -0.95 -18.25
C SER A 55 16.72 -0.52 -17.48
N PHE A 56 16.67 0.74 -17.06
CA PHE A 56 15.43 1.33 -16.60
C PHE A 56 14.81 2.17 -17.72
N MET A 57 13.60 1.82 -18.13
CA MET A 57 12.91 2.60 -19.14
C MET A 57 12.73 4.02 -18.61
N ARG A 58 12.93 5.02 -19.51
CA ARG A 58 12.97 6.43 -19.14
C ARG A 58 11.62 6.92 -18.61
N ASP A 59 10.54 6.29 -19.08
CA ASP A 59 9.19 6.70 -18.73
C ASP A 59 8.71 6.08 -17.42
N ASN A 60 9.52 5.19 -16.83
CA ASN A 60 9.24 4.72 -15.47
C ASN A 60 8.72 5.86 -14.61
N LEU A 61 7.56 5.67 -13.97
CA LEU A 61 7.07 6.67 -13.03
C LEU A 61 7.68 6.35 -11.67
N VAL A 62 8.18 7.38 -10.99
CA VAL A 62 9.03 7.21 -9.82
C VAL A 62 8.72 8.30 -8.79
N TYR A 63 8.96 7.97 -7.52
CA TYR A 63 8.95 8.97 -6.45
C TYR A 63 10.30 9.67 -6.40
N ILE A 64 10.27 11.00 -6.62
CA ILE A 64 11.45 11.85 -6.49
C ILE A 64 11.26 12.71 -5.25
N ASP A 65 11.98 12.38 -4.17
CA ASP A 65 11.91 13.08 -2.90
C ASP A 65 12.09 14.58 -3.08
N GLY A 66 11.21 15.37 -2.47
CA GLY A 66 11.24 16.81 -2.63
C GLY A 66 10.35 17.31 -3.76
N TYR A 67 10.18 16.52 -4.83
CA TYR A 67 9.50 16.97 -6.04
C TYR A 67 8.16 16.27 -6.26
N SER A 68 7.96 15.10 -5.63
CA SER A 68 6.76 14.26 -5.82
C SER A 68 5.76 14.55 -4.72
N GLN A 69 4.48 14.32 -4.99
CA GLN A 69 3.45 14.54 -4.01
C GLN A 69 3.44 13.43 -2.95
N VAL A 70 2.80 13.72 -1.82
CA VAL A 70 2.52 12.71 -0.82
C VAL A 70 1.05 12.85 -0.42
N ILE A 71 0.23 11.90 -0.89
CA ILE A 71 -1.20 11.92 -0.65
C ILE A 71 -1.50 11.00 0.53
N ASN A 72 -2.18 11.52 1.57
CA ASN A 72 -2.22 10.84 2.86
C ASN A 72 -0.77 10.60 3.26
N GLY A 73 -0.43 9.36 3.60
CA GLY A 73 0.96 9.01 3.80
C GLY A 73 1.60 8.48 2.54
N ARG A 74 0.83 8.43 1.43
CA ARG A 74 1.23 7.68 0.24
C ARG A 74 2.10 8.55 -0.66
N LYS A 75 3.34 8.09 -0.83
CA LYS A 75 4.28 8.68 -1.76
C LYS A 75 3.81 8.34 -3.16
N GLN A 76 3.87 9.33 -4.08
CA GLN A 76 3.37 9.15 -5.43
C GLN A 76 4.54 8.97 -6.38
N THR A 77 4.43 7.95 -7.24
CA THR A 77 5.40 7.76 -8.32
C THR A 77 4.88 8.56 -9.51
N ASP A 78 5.11 9.88 -9.45
CA ASP A 78 4.40 10.83 -10.28
C ASP A 78 5.36 11.63 -11.15
N ASN A 79 6.63 11.23 -11.20
CA ASN A 79 7.57 11.87 -12.09
C ASN A 79 8.20 10.80 -12.96
N LYS A 80 8.55 11.16 -14.19
CA LYS A 80 9.32 10.26 -15.02
C LYS A 80 10.76 10.22 -14.50
N LEU A 81 11.39 9.05 -14.68
CA LEU A 81 12.75 8.83 -14.23
C LEU A 81 13.75 9.75 -14.93
N ASN A 82 13.56 10.04 -16.24
CA ASN A 82 14.54 10.82 -16.99
C ASN A 82 14.59 12.27 -16.52
N VAL A 83 13.56 12.68 -15.77
CA VAL A 83 13.49 14.00 -15.16
C VAL A 83 14.51 14.14 -14.03
N ALA A 84 14.77 13.05 -13.32
CA ALA A 84 15.62 13.11 -12.12
C ALA A 84 17.00 13.68 -12.43
N TYR A 85 17.58 13.30 -13.58
CA TYR A 85 18.85 13.84 -14.05
C TYR A 85 18.76 15.35 -14.21
N GLU A 86 17.78 15.81 -15.01
CA GLU A 86 17.59 17.23 -15.27
C GLU A 86 17.41 18.00 -13.96
N LEU A 87 16.59 17.49 -13.03
CA LEU A 87 16.43 18.15 -11.74
C LEU A 87 17.77 18.30 -11.03
N GLY A 88 18.65 17.32 -11.19
CA GLY A 88 19.95 17.34 -10.54
C GLY A 88 20.92 18.28 -11.22
N GLU A 89 20.92 18.31 -12.55
CA GLU A 89 21.77 19.25 -13.29
C GLU A 89 21.35 20.69 -12.96
N GLN A 90 20.05 20.90 -12.72
CA GLN A 90 19.55 22.21 -12.34
C GLN A 90 19.96 22.55 -10.91
N GLU A 91 19.95 21.57 -10.00
CA GLU A 91 20.42 21.83 -8.65
C GLU A 91 21.91 22.15 -8.62
N GLY A 92 22.67 21.71 -9.63
CA GLY A 92 24.11 21.93 -9.70
C GLY A 92 24.88 20.62 -9.56
N GLN A 93 25.35 20.09 -10.69
CA GLN A 93 26.15 18.88 -10.82
C GLN A 93 25.66 17.74 -9.94
N LYS A 94 24.34 17.52 -9.86
CA LYS A 94 23.74 16.48 -9.03
C LYS A 94 22.85 15.57 -9.86
N GLY A 95 23.07 15.51 -11.18
CA GLY A 95 22.29 14.69 -12.08
C GLY A 95 22.43 13.19 -11.81
N ALA A 96 23.68 12.66 -11.85
CA ALA A 96 23.96 11.27 -11.54
C ALA A 96 23.49 10.94 -10.14
N GLU A 97 23.73 11.87 -9.22
CA GLU A 97 23.39 11.69 -7.83
C GLU A 97 21.87 11.58 -7.64
N MET A 98 21.12 12.37 -8.39
CA MET A 98 19.67 12.40 -8.28
C MET A 98 19.09 11.07 -8.77
N VAL A 99 19.60 10.58 -9.91
CA VAL A 99 19.22 9.28 -10.44
C VAL A 99 19.52 8.21 -9.39
N ARG A 100 20.70 8.27 -8.77
CA ARG A 100 21.08 7.33 -7.74
C ARG A 100 20.07 7.32 -6.58
N GLN A 101 19.70 8.49 -6.06
CA GLN A 101 18.79 8.56 -4.92
C GLN A 101 17.44 7.98 -5.29
N VAL A 102 17.00 8.25 -6.52
CA VAL A 102 15.72 7.78 -7.01
C VAL A 102 15.73 6.25 -7.12
N LEU A 103 16.72 5.67 -7.83
CA LEU A 103 16.82 4.23 -7.98
C LEU A 103 16.89 3.54 -6.62
N LYS A 104 17.49 4.20 -5.63
CA LYS A 104 17.56 3.69 -4.27
C LYS A 104 16.17 3.71 -3.63
N ASP A 105 15.48 4.84 -3.73
CA ASP A 105 14.19 5.02 -3.10
C ASP A 105 13.12 4.14 -3.77
N ASN A 106 13.22 3.87 -5.07
CA ASN A 106 12.12 3.20 -5.78
C ASN A 106 12.34 1.70 -5.93
N PHE A 107 13.60 1.30 -6.16
CA PHE A 107 14.00 -0.07 -6.50
C PHE A 107 14.97 -0.65 -5.46
N ASP A 108 15.30 0.14 -4.44
CA ASP A 108 16.20 -0.25 -3.36
C ASP A 108 17.50 -0.85 -3.90
N LEU A 109 18.07 -0.17 -4.89
CA LEU A 109 19.39 -0.46 -5.41
C LEU A 109 20.41 0.46 -4.76
N ASP A 110 21.56 -0.15 -4.35
CA ASP A 110 22.73 0.56 -3.90
C ASP A 110 23.76 0.56 -5.02
N ILE A 111 24.22 1.77 -5.40
CA ILE A 111 25.07 1.97 -6.56
C ILE A 111 26.34 2.69 -6.13
N LYS A 112 27.48 2.19 -6.57
CA LYS A 112 28.76 2.61 -6.02
C LYS A 112 29.38 3.70 -6.91
N TYR A 113 29.35 3.50 -8.24
CA TYR A 113 29.99 4.36 -9.22
C TYR A 113 29.00 4.72 -10.33
N TYR A 114 29.35 5.75 -11.12
CA TYR A 114 28.63 6.14 -12.32
C TYR A 114 29.63 6.32 -13.46
N ALA A 115 29.14 6.20 -14.69
CA ALA A 115 29.81 6.68 -15.89
C ALA A 115 28.76 7.30 -16.81
N LEU A 116 29.08 8.50 -17.37
N LEU A 116 29.08 8.50 -17.36
CA LEU A 116 28.18 9.25 -18.22
CA LEU A 116 28.18 9.25 -18.22
C LEU A 116 28.89 9.54 -19.55
C LEU A 116 28.88 9.53 -19.55
N VAL A 117 28.17 9.35 -20.67
CA VAL A 117 28.65 9.78 -21.97
C VAL A 117 27.58 10.60 -22.67
N ASP A 118 28.00 11.66 -23.40
CA ASP A 118 27.12 12.33 -24.35
C ASP A 118 27.29 11.67 -25.72
N PHE A 119 26.35 11.97 -26.64
CA PHE A 119 26.29 11.38 -27.96
C PHE A 119 27.57 11.60 -28.76
N GLN A 120 28.02 12.85 -28.78
CA GLN A 120 29.16 13.21 -29.62
C GLN A 120 30.41 12.47 -29.13
N ALA A 121 30.65 12.52 -27.82
CA ALA A 121 31.72 11.76 -27.21
C ALA A 121 31.67 10.31 -27.66
N PHE A 122 30.49 9.70 -27.48
CA PHE A 122 30.32 8.30 -27.76
C PHE A 122 30.80 7.99 -29.18
N ALA A 123 30.32 8.79 -30.14
CA ALA A 123 30.58 8.54 -31.55
C ALA A 123 32.08 8.65 -31.85
N THR A 124 32.68 9.73 -31.35
CA THR A 124 34.11 9.97 -31.47
C THR A 124 34.87 8.84 -30.78
N ALA A 125 34.45 8.53 -29.55
CA ALA A 125 35.13 7.52 -28.76
C ALA A 125 35.22 6.22 -29.55
N ILE A 126 34.14 5.88 -30.26
CA ILE A 126 34.00 4.60 -30.94
C ILE A 126 34.87 4.58 -32.19
N ASP A 127 34.92 5.72 -32.88
CA ASP A 127 35.79 5.87 -34.02
C ASP A 127 37.25 5.72 -33.58
N THR A 128 37.58 6.28 -32.40
CA THR A 128 38.93 6.24 -31.85
C THR A 128 39.33 4.81 -31.49
N LEU A 129 38.49 4.11 -30.73
CA LEU A 129 38.77 2.74 -30.31
C LEU A 129 38.67 1.72 -31.45
N PHE A 130 37.74 1.91 -32.39
CA PHE A 130 37.36 0.87 -33.34
C PHE A 130 37.52 1.40 -34.75
N PRO A 131 38.71 1.27 -35.38
CA PRO A 131 38.97 1.91 -36.67
C PRO A 131 38.17 1.26 -37.79
N ASP A 132 37.81 -0.02 -37.61
CA ASP A 132 36.98 -0.77 -38.55
C ASP A 132 35.54 -0.86 -38.05
N GLY A 133 35.15 -0.01 -37.09
CA GLY A 133 33.80 -0.01 -36.55
C GLY A 133 33.52 -1.23 -35.70
N VAL A 134 32.33 -1.24 -35.08
CA VAL A 134 31.86 -2.30 -34.20
C VAL A 134 30.96 -3.24 -35.00
N THR A 135 31.16 -4.54 -34.81
CA THR A 135 30.30 -5.53 -35.43
C THR A 135 29.01 -5.61 -34.62
N ILE A 136 27.88 -5.35 -35.30
CA ILE A 136 26.56 -5.47 -34.69
C ILE A 136 25.63 -6.22 -35.62
N ASP A 137 24.83 -7.13 -35.05
CA ASP A 137 23.74 -7.79 -35.76
C ASP A 137 22.47 -6.97 -35.58
N ALA A 138 22.22 -6.03 -36.50
CA ALA A 138 21.14 -5.08 -36.36
C ALA A 138 19.80 -5.79 -36.42
N GLN A 139 18.95 -5.55 -35.42
CA GLN A 139 17.64 -6.18 -35.36
C GLN A 139 16.59 -5.23 -34.80
N PHE A 140 15.42 -5.23 -35.45
CA PHE A 140 14.28 -4.41 -35.05
C PHE A 140 13.06 -5.29 -34.81
N SER A 141 12.06 -4.73 -34.13
CA SER A 141 10.82 -5.45 -33.86
C SER A 141 9.92 -5.32 -35.08
N THR A 142 8.62 -5.55 -34.86
CA THR A 142 7.62 -5.37 -35.90
C THR A 142 7.18 -3.92 -35.90
N LEU A 143 6.38 -3.57 -36.92
CA LEU A 143 5.61 -2.35 -36.96
C LEU A 143 4.18 -2.70 -37.35
N ASN A 144 3.25 -2.56 -36.39
CA ASN A 144 1.88 -3.04 -36.53
C ASN A 144 1.84 -4.50 -36.96
N GLY A 145 2.72 -5.33 -36.38
CA GLY A 145 2.78 -6.75 -36.68
C GLY A 145 3.68 -7.09 -37.85
N ARG A 146 3.99 -6.14 -38.74
CA ARG A 146 4.80 -6.47 -39.91
C ARG A 146 6.27 -6.46 -39.54
N PRO A 147 7.08 -7.48 -39.90
CA PRO A 147 8.52 -7.43 -39.66
C PRO A 147 9.18 -6.30 -40.43
N LEU A 148 10.14 -5.61 -39.79
CA LEU A 148 10.95 -4.59 -40.44
C LEU A 148 12.29 -5.20 -40.87
N THR A 149 12.83 -4.77 -42.02
CA THR A 149 14.14 -5.18 -42.49
C THR A 149 15.05 -3.96 -42.62
N GLU A 150 14.58 -2.79 -42.19
CA GLU A 150 15.45 -1.61 -42.13
C GLU A 150 14.78 -0.53 -41.28
N ALA A 151 15.58 0.41 -40.77
CA ALA A 151 15.07 1.46 -39.92
C ALA A 151 15.67 2.79 -40.34
N THR A 152 14.79 3.80 -40.45
CA THR A 152 15.23 5.16 -40.68
C THR A 152 15.36 5.84 -39.33
N VAL A 153 16.56 6.39 -39.09
CA VAL A 153 16.91 7.10 -37.88
C VAL A 153 17.28 8.54 -38.24
N GLY A 154 16.85 9.52 -37.43
CA GLY A 154 17.39 10.87 -37.50
C GLY A 154 18.91 10.86 -37.22
N ASP A 155 19.68 11.50 -38.12
CA ASP A 155 21.13 11.52 -38.03
C ASP A 155 21.52 12.81 -37.31
N ASP A 156 21.29 12.82 -35.98
CA ASP A 156 21.23 14.03 -35.17
C ASP A 156 22.60 14.69 -35.01
N LEU A 157 23.68 13.93 -35.22
CA LEU A 157 25.02 14.48 -35.09
C LEU A 157 25.35 15.39 -36.28
N TYR A 158 24.51 15.39 -37.33
CA TYR A 158 24.67 16.33 -38.43
C TYR A 158 23.46 17.29 -38.45
N ALA A 159 23.71 18.54 -37.98
CA ALA A 159 22.75 19.62 -38.08
C ALA A 159 22.87 20.29 -39.45
N GLU A 163 20.10 20.37 -42.59
CA GLU A 163 19.87 20.78 -41.17
C GLU A 163 19.08 19.74 -40.39
N SER A 164 18.72 18.60 -41.02
CA SER A 164 18.06 17.51 -40.31
C SER A 164 18.12 16.20 -41.11
N PRO A 165 19.32 15.69 -41.52
CA PRO A 165 19.39 14.45 -42.28
C PRO A 165 18.94 13.25 -41.45
N THR A 166 18.75 12.12 -42.15
CA THR A 166 18.40 10.84 -41.55
C THR A 166 19.31 9.76 -42.13
N GLN A 167 19.20 8.55 -41.60
CA GLN A 167 20.07 7.45 -41.98
C GLN A 167 19.25 6.17 -41.92
N THR A 168 19.56 5.22 -42.81
CA THR A 168 18.85 3.96 -42.85
C THR A 168 19.80 2.84 -42.47
N ILE A 169 19.43 2.07 -41.45
CA ILE A 169 20.17 0.88 -41.07
C ILE A 169 19.36 -0.33 -41.53
N LYS A 170 19.96 -1.15 -42.38
CA LYS A 170 19.40 -2.44 -42.75
C LYS A 170 19.67 -3.41 -41.62
N VAL A 171 18.78 -4.41 -41.47
CA VAL A 171 18.93 -5.49 -40.50
C VAL A 171 20.16 -6.34 -40.86
N GLY A 172 20.74 -7.02 -39.86
CA GLY A 172 21.79 -8.02 -40.06
C GLY A 172 23.18 -7.58 -39.59
N LYS A 173 24.10 -8.55 -39.56
CA LYS A 173 25.48 -8.36 -39.17
C LYS A 173 26.20 -7.37 -40.09
N GLN A 174 26.81 -6.35 -39.49
CA GLN A 174 27.53 -5.33 -40.22
C GLN A 174 28.50 -4.61 -39.27
N GLN A 175 29.37 -3.80 -39.86
CA GLN A 175 30.25 -2.92 -39.12
C GLN A 175 29.56 -1.57 -38.99
N MET A 176 29.59 -0.99 -37.79
CA MET A 176 29.01 0.31 -37.52
C MET A 176 30.07 1.25 -36.94
N ASN A 177 30.26 2.39 -37.62
CA ASN A 177 31.01 3.51 -37.07
C ASN A 177 30.19 4.18 -35.97
N GLY A 178 30.80 5.17 -35.31
CA GLY A 178 30.26 5.73 -34.10
C GLY A 178 28.86 6.32 -34.33
N SER A 179 28.74 7.06 -35.43
CA SER A 179 27.51 7.75 -35.77
C SER A 179 26.39 6.74 -36.00
N THR A 180 26.71 5.68 -36.75
CA THR A 180 25.74 4.63 -37.03
C THR A 180 25.31 3.98 -35.74
N LEU A 181 26.31 3.58 -34.96
CA LEU A 181 26.10 2.80 -33.74
C LEU A 181 25.26 3.61 -32.76
N LEU A 182 25.56 4.90 -32.63
CA LEU A 182 24.73 5.78 -31.83
C LEU A 182 23.30 5.79 -32.35
N ASN A 183 23.17 5.96 -33.67
CA ASN A 183 21.86 6.07 -34.29
C ASN A 183 21.07 4.79 -34.04
N TYR A 184 21.77 3.65 -34.13
CA TYR A 184 21.17 2.34 -33.92
C TYR A 184 20.67 2.17 -32.49
N ALA A 185 21.42 2.72 -31.54
CA ALA A 185 21.10 2.66 -30.12
C ALA A 185 19.93 3.57 -29.78
N ARG A 186 19.69 4.58 -30.62
CA ARG A 186 18.69 5.59 -30.34
C ARG A 186 17.34 5.23 -30.92
N PHE A 187 17.31 4.32 -31.91
CA PHE A 187 16.09 4.01 -32.65
C PHE A 187 15.02 3.45 -31.72
N ARG A 188 13.79 3.97 -31.83
CA ARG A 188 12.69 3.50 -31.00
C ARG A 188 11.38 3.38 -31.79
N ASP A 189 11.43 3.46 -33.13
CA ASP A 189 10.22 3.69 -33.91
C ASP A 189 9.69 2.37 -34.48
N ASP A 190 9.40 1.44 -33.56
CA ASP A 190 8.79 0.15 -33.90
C ASP A 190 7.87 -0.23 -32.76
N ASP A 191 7.30 -1.44 -32.82
CA ASP A 191 6.25 -1.87 -31.91
C ASP A 191 6.76 -1.91 -30.47
N GLU A 192 8.09 -2.11 -30.31
CA GLU A 192 8.65 -2.24 -28.99
C GLU A 192 9.03 -0.89 -28.40
N ALA A 193 9.03 0.20 -29.20
CA ALA A 193 9.21 1.53 -28.64
C ALA A 193 10.49 1.57 -27.76
N ASP A 194 10.44 2.21 -26.56
CA ASP A 194 11.63 2.41 -25.72
C ASP A 194 12.18 1.09 -25.19
N TYR A 195 11.31 0.11 -24.97
CA TYR A 195 11.72 -1.19 -24.49
C TYR A 195 12.72 -1.81 -25.46
N GLY A 196 12.45 -1.71 -26.75
CA GLY A 196 13.27 -2.33 -27.77
C GLY A 196 14.57 -1.54 -27.91
N ARG A 197 14.47 -0.22 -27.68
CA ARG A 197 15.64 0.62 -27.61
C ARG A 197 16.58 0.15 -26.47
N THR A 198 16.03 -0.12 -25.28
CA THR A 198 16.83 -0.60 -24.16
C THR A 198 17.62 -1.83 -24.61
N LYS A 199 17.01 -2.72 -25.39
CA LYS A 199 17.67 -3.94 -25.79
C LYS A 199 18.79 -3.62 -26.78
N ARG A 200 18.61 -2.62 -27.63
CA ARG A 200 19.67 -2.27 -28.55
C ARG A 200 20.83 -1.59 -27.79
N GLN A 201 20.52 -0.83 -26.75
CA GLN A 201 21.54 -0.14 -26.00
C GLN A 201 22.40 -1.16 -25.26
N GLN A 202 21.74 -2.14 -24.63
CA GLN A 202 22.36 -3.28 -24.00
C GLN A 202 23.22 -4.03 -24.99
N GLN A 203 22.71 -4.20 -26.19
CA GLN A 203 23.44 -4.92 -27.23
C GLN A 203 24.73 -4.20 -27.57
N VAL A 204 24.64 -2.88 -27.75
CA VAL A 204 25.77 -2.06 -28.13
C VAL A 204 26.85 -2.09 -27.03
N LEU A 205 26.42 -1.95 -25.77
CA LEU A 205 27.36 -1.91 -24.66
C LEU A 205 28.14 -3.23 -24.62
N THR A 206 27.38 -4.34 -24.66
CA THR A 206 27.92 -5.68 -24.68
C THR A 206 28.94 -5.81 -25.82
N ALA A 207 28.56 -5.36 -27.01
CA ALA A 207 29.38 -5.52 -28.20
C ALA A 207 30.72 -4.83 -28.00
N ILE A 208 30.67 -3.62 -27.43
CA ILE A 208 31.86 -2.81 -27.23
C ILE A 208 32.85 -3.57 -26.35
N LEU A 209 32.37 -4.00 -25.18
CA LEU A 209 33.19 -4.70 -24.21
C LEU A 209 33.77 -5.98 -24.83
N GLU A 210 32.97 -6.72 -25.60
CA GLU A 210 33.40 -7.98 -26.19
C GLU A 210 34.48 -7.78 -27.24
N GLN A 211 34.46 -6.64 -27.93
CA GLN A 211 35.25 -6.48 -29.14
C GLN A 211 36.49 -5.62 -28.88
N ILE A 212 36.70 -5.23 -27.64
CA ILE A 212 37.97 -4.60 -27.29
C ILE A 212 39.09 -5.63 -27.41
N LYS A 213 40.07 -5.33 -28.29
CA LYS A 213 41.24 -6.15 -28.51
C LYS A 213 42.40 -5.63 -27.67
N ASP A 214 43.44 -6.45 -27.44
CA ASP A 214 44.60 -6.09 -26.64
C ASP A 214 44.18 -5.40 -25.34
N PRO A 215 43.42 -6.09 -24.45
CA PRO A 215 42.73 -5.42 -23.36
C PRO A 215 43.70 -4.83 -22.36
N THR A 216 44.84 -5.48 -22.19
CA THR A 216 45.84 -5.03 -21.22
C THR A 216 46.38 -3.66 -21.62
N LYS A 217 46.58 -3.45 -22.94
CA LYS A 217 47.35 -2.34 -23.46
C LYS A 217 46.68 -0.99 -23.18
N LEU A 218 45.34 -1.00 -23.08
CA LEU A 218 44.56 0.14 -22.66
C LEU A 218 45.15 0.70 -21.36
N PHE A 219 45.27 -0.19 -20.37
CA PHE A 219 45.65 0.21 -19.02
C PHE A 219 47.11 0.64 -19.01
N THR A 220 48.01 -0.22 -19.50
CA THR A 220 49.42 0.13 -19.58
C THR A 220 49.56 1.61 -19.97
N GLY A 221 48.82 1.98 -21.04
CA GLY A 221 48.77 3.36 -21.51
C GLY A 221 48.47 3.45 -23.01
N SER A 222 47.39 4.16 -23.37
CA SER A 222 46.99 4.30 -24.75
C SER A 222 46.41 5.70 -24.98
N GLU A 223 46.86 6.39 -26.03
CA GLU A 223 46.40 7.76 -26.29
C GLU A 223 44.91 7.72 -26.66
N ALA A 224 44.49 6.66 -27.33
CA ALA A 224 43.09 6.48 -27.68
C ALA A 224 42.25 6.47 -26.41
N LEU A 225 42.56 5.52 -25.51
CA LEU A 225 41.84 5.37 -24.26
C LEU A 225 41.77 6.70 -23.51
N GLY A 226 42.88 7.46 -23.55
CA GLY A 226 42.93 8.76 -22.91
C GLY A 226 41.92 9.74 -23.52
N LYS A 227 41.89 9.81 -24.85
CA LYS A 227 40.95 10.68 -25.53
C LYS A 227 39.53 10.34 -25.08
N VAL A 228 39.25 9.04 -24.97
CA VAL A 228 37.95 8.56 -24.53
C VAL A 228 37.63 9.08 -23.13
N PHE A 229 38.56 8.83 -22.19
CA PHE A 229 38.40 9.29 -20.81
C PHE A 229 38.05 10.77 -20.77
N ALA A 230 38.75 11.57 -21.59
CA ALA A 230 38.55 13.02 -21.62
C ALA A 230 37.10 13.35 -21.96
N MET A 231 36.44 12.49 -22.75
CA MET A 231 35.08 12.74 -23.21
C MET A 231 34.04 12.08 -22.31
N THR A 232 34.48 11.52 -21.17
CA THR A 232 33.60 10.79 -20.27
C THR A 232 33.58 11.44 -18.89
N SER A 233 32.46 11.31 -18.20
CA SER A 233 32.35 11.67 -16.80
C SER A 233 32.16 10.39 -16.01
N THR A 234 33.06 10.11 -15.04
CA THR A 234 33.00 8.87 -14.29
C THR A 234 33.73 9.03 -12.97
N ASN A 235 33.31 8.31 -11.92
CA ASN A 235 34.05 8.31 -10.66
C ASN A 235 34.62 6.91 -10.38
N VAL A 236 34.74 6.08 -11.42
CA VAL A 236 35.29 4.74 -11.24
C VAL A 236 36.79 4.84 -10.97
N PRO A 237 37.32 4.33 -9.82
CA PRO A 237 38.75 4.47 -9.51
C PRO A 237 39.63 3.70 -10.50
N TYR A 238 40.77 4.27 -10.84
CA TYR A 238 41.62 3.69 -11.85
C TYR A 238 42.14 2.31 -11.39
N THR A 239 42.41 2.14 -10.07
CA THR A 239 42.89 0.85 -9.59
C THR A 239 41.76 -0.19 -9.68
N PHE A 240 40.49 0.25 -9.59
CA PHE A 240 39.37 -0.66 -9.76
C PHE A 240 39.34 -1.18 -11.19
N LEU A 241 39.65 -0.32 -12.16
CA LEU A 241 39.78 -0.71 -13.55
C LEU A 241 40.96 -1.66 -13.74
N LEU A 242 42.07 -1.42 -13.06
CA LEU A 242 43.22 -2.29 -13.19
C LEU A 242 42.96 -3.69 -12.59
N THR A 243 42.13 -3.77 -11.54
CA THR A 243 41.92 -5.01 -10.79
C THR A 243 40.73 -5.78 -11.36
N ASN A 244 39.79 -5.09 -11.99
CA ASN A 244 38.53 -5.71 -12.39
C ASN A 244 38.28 -5.60 -13.90
N GLY A 245 39.16 -4.90 -14.62
CA GLY A 245 38.94 -4.58 -16.01
C GLY A 245 38.92 -5.81 -16.92
N LEU A 246 39.97 -6.62 -16.91
CA LEU A 246 40.05 -7.76 -17.82
C LEU A 246 38.93 -8.76 -17.54
N SER A 247 38.53 -8.88 -16.26
CA SER A 247 37.45 -9.77 -15.89
C SER A 247 36.15 -9.31 -16.56
N VAL A 248 35.93 -7.99 -16.61
CA VAL A 248 34.73 -7.43 -17.19
C VAL A 248 34.74 -7.63 -18.70
N LEU A 249 35.90 -7.39 -19.35
CA LEU A 249 36.00 -7.56 -20.79
C LEU A 249 35.84 -9.03 -21.18
N ASP A 250 36.34 -9.95 -20.34
CA ASP A 250 36.22 -11.37 -20.60
C ASP A 250 34.81 -11.86 -20.25
N GLY A 251 34.30 -11.43 -19.09
CA GLY A 251 32.94 -11.77 -18.67
C GLY A 251 31.91 -11.38 -19.71
N ALA A 252 32.22 -10.33 -20.50
CA ALA A 252 31.34 -9.86 -21.55
C ALA A 252 31.31 -10.82 -22.73
N LYS A 253 32.42 -11.53 -22.99
CA LYS A 253 32.46 -12.52 -24.04
C LYS A 253 31.50 -13.67 -23.70
N ASN A 254 31.43 -14.02 -22.41
CA ASN A 254 30.55 -15.07 -21.95
C ASN A 254 29.09 -14.62 -21.94
N GLY A 255 28.84 -13.33 -22.21
CA GLY A 255 27.49 -12.80 -22.30
C GLY A 255 26.97 -12.34 -20.93
N ILE A 256 26.11 -11.32 -20.96
CA ILE A 256 25.66 -10.59 -19.79
C ILE A 256 24.19 -10.90 -19.57
N GLU A 257 23.79 -11.24 -18.35
CA GLU A 257 22.40 -11.42 -17.97
C GLU A 257 21.73 -10.04 -17.98
N LYS A 258 20.65 -9.91 -18.77
CA LYS A 258 20.05 -8.63 -19.10
C LYS A 258 18.61 -8.58 -18.60
N LEU A 259 18.17 -7.39 -18.22
CA LEU A 259 16.80 -7.16 -17.84
C LEU A 259 16.46 -5.71 -18.19
N THR A 260 15.23 -5.50 -18.69
CA THR A 260 14.66 -4.16 -18.74
C THR A 260 13.55 -4.05 -17.70
N ILE A 261 13.52 -2.93 -16.99
CA ILE A 261 12.48 -2.66 -16.03
C ILE A 261 11.67 -1.46 -16.48
N PRO A 262 10.32 -1.56 -16.65
CA PRO A 262 9.62 -2.84 -16.58
C PRO A 262 9.85 -3.65 -17.84
N GLU A 263 9.42 -4.92 -17.80
CA GLU A 263 9.43 -5.76 -18.98
C GLU A 263 8.29 -5.37 -19.92
N LEU A 264 8.40 -5.79 -21.19
CA LEU A 264 7.50 -5.41 -22.26
C LEU A 264 6.06 -5.66 -21.87
N GLY A 265 5.26 -4.60 -21.93
CA GLY A 265 3.85 -4.70 -21.62
C GLY A 265 3.58 -4.69 -20.12
N ASP A 266 4.59 -4.91 -19.27
CA ASP A 266 4.32 -5.16 -17.86
C ASP A 266 4.20 -3.85 -17.10
N TRP A 267 3.21 -3.03 -17.49
CA TRP A 267 3.01 -1.72 -16.92
C TRP A 267 1.61 -1.19 -17.26
N VAL A 268 1.18 -0.15 -16.53
CA VAL A 268 -0.06 0.57 -16.80
C VAL A 268 0.29 2.02 -17.14
N ASP A 269 -0.32 2.59 -18.18
CA ASP A 269 -0.16 4.01 -18.53
C ASP A 269 -0.75 4.91 -17.45
N ALA A 270 -0.05 6.02 -17.12
CA ALA A 270 -0.57 6.98 -16.16
C ALA A 270 0.13 8.32 -16.32
N TYR A 271 -0.58 9.39 -15.96
CA TYR A 271 -0.07 10.75 -16.13
C TYR A 271 0.88 11.09 -14.99
N ASP A 272 2.03 11.71 -15.33
CA ASP A 272 2.88 12.36 -14.35
C ASP A 272 2.26 13.69 -13.91
N VAL A 273 2.91 14.40 -12.98
CA VAL A 273 2.37 15.64 -12.45
C VAL A 273 2.38 16.73 -13.50
N TYR A 274 3.07 16.51 -14.63
CA TYR A 274 3.18 17.53 -15.65
C TYR A 274 2.17 17.28 -16.77
N GLY A 275 1.38 16.20 -16.66
CA GLY A 275 0.43 15.85 -17.68
C GLY A 275 1.05 15.05 -18.83
N GLY A 276 2.30 14.61 -18.65
CA GLY A 276 2.89 13.64 -19.55
C GLY A 276 2.47 12.21 -19.21
N LEU A 277 2.68 11.27 -20.12
CA LEU A 277 2.24 9.90 -19.89
C LEU A 277 3.44 9.00 -19.60
N GLY A 278 3.38 8.25 -18.50
CA GLY A 278 4.48 7.40 -18.10
C GLY A 278 4.05 5.97 -17.80
N LEU A 279 4.97 5.15 -17.29
CA LEU A 279 4.70 3.75 -16.98
C LEU A 279 4.61 3.60 -15.46
N LEU A 280 3.44 3.21 -14.98
CA LEU A 280 3.27 2.84 -13.58
C LEU A 280 3.57 1.35 -13.46
N VAL A 281 4.55 1.02 -12.58
CA VAL A 281 5.09 -0.33 -12.54
C VAL A 281 4.96 -0.87 -11.12
N ASP A 282 4.99 -2.19 -11.01
CA ASP A 282 5.01 -2.88 -9.73
C ASP A 282 6.44 -2.98 -9.22
N GLN A 283 6.86 -1.98 -8.44
CA GLN A 283 8.27 -1.80 -8.08
C GLN A 283 8.74 -2.95 -7.19
N ASN A 284 7.89 -3.35 -6.23
CA ASN A 284 8.12 -4.51 -5.39
C ASN A 284 8.52 -5.74 -6.20
N LYS A 285 7.69 -6.11 -7.17
CA LYS A 285 7.99 -7.25 -8.00
C LYS A 285 9.39 -7.12 -8.60
N TYR A 286 9.75 -5.94 -9.10
CA TYR A 286 11.05 -5.73 -9.73
C TYR A 286 12.17 -5.65 -8.68
N GLN A 287 11.87 -5.22 -7.46
CA GLN A 287 12.84 -5.32 -6.39
C GLN A 287 13.21 -6.78 -6.11
N THR A 288 12.23 -7.69 -6.18
CA THR A 288 12.43 -9.11 -5.94
C THR A 288 13.30 -9.69 -7.05
N LYS A 289 13.06 -9.26 -8.29
CA LYS A 289 13.78 -9.76 -9.45
C LYS A 289 15.23 -9.31 -9.36
N LEU A 290 15.43 -8.07 -8.92
CA LEU A 290 16.77 -7.52 -8.80
C LEU A 290 17.54 -8.31 -7.74
N ALA A 291 16.85 -8.66 -6.63
CA ALA A 291 17.43 -9.48 -5.60
C ALA A 291 17.81 -10.84 -6.19
N GLN A 292 16.92 -11.44 -6.96
CA GLN A 292 17.16 -12.75 -7.55
C GLN A 292 18.32 -12.69 -8.54
N MET A 293 18.52 -11.55 -9.21
CA MET A 293 19.64 -11.41 -10.13
C MET A 293 20.93 -11.08 -9.41
N GLY A 294 20.87 -10.73 -8.13
CA GLY A 294 22.06 -10.48 -7.33
C GLY A 294 22.52 -9.01 -7.31
N LEU A 295 21.59 -8.08 -7.59
CA LEU A 295 21.92 -6.66 -7.64
C LEU A 295 21.54 -5.99 -6.31
N ARG A 296 20.71 -6.64 -5.49
CA ARG A 296 20.45 -6.12 -4.16
C ARG A 296 20.36 -7.26 -3.14
N ALA A 297 20.13 -8.47 -3.61
CA ALA A 297 20.37 -9.63 -2.75
C ALA A 297 19.84 -9.39 -1.33
N ALA A 298 18.49 -9.32 -1.18
CA ALA A 298 17.82 -9.07 0.08
C ALA A 298 16.77 -10.14 0.39
N ALA A 299 16.24 -10.09 1.64
CA ALA A 299 14.90 -10.53 2.03
C ALA A 299 14.68 -12.04 1.89
N LEU A 300 14.76 -12.52 0.64
CA LEU A 300 14.40 -13.88 0.23
C LEU A 300 13.00 -14.22 0.78
N GLY B 2 -31.68 13.45 -12.75
CA GLY B 2 -32.82 14.28 -13.22
C GLY B 2 -33.98 13.39 -13.62
N GLN B 3 -35.22 13.94 -13.67
CA GLN B 3 -36.41 13.11 -13.77
C GLN B 3 -36.30 12.20 -15.01
N VAL B 4 -36.42 12.74 -16.23
CA VAL B 4 -36.43 11.89 -17.41
C VAL B 4 -35.02 11.36 -17.70
N GLU B 5 -34.93 10.04 -17.95
CA GLU B 5 -33.68 9.37 -18.23
C GLU B 5 -33.89 8.30 -19.30
N VAL B 6 -33.07 8.33 -20.35
CA VAL B 6 -32.93 7.24 -21.28
C VAL B 6 -32.32 6.01 -20.59
N PHE B 7 -32.71 4.79 -21.01
CA PHE B 7 -32.09 3.58 -20.46
C PHE B 7 -32.28 2.40 -21.43
N ASN B 8 -31.18 1.78 -21.82
CA ASN B 8 -31.20 0.57 -22.64
C ASN B 8 -30.74 -0.60 -21.77
N GLY B 9 -31.60 -0.92 -20.79
CA GLY B 9 -31.41 -2.00 -19.84
C GLY B 9 -31.13 -3.34 -20.51
N GLN B 10 -30.29 -4.18 -19.90
CA GLN B 10 -30.07 -5.53 -20.36
C GLN B 10 -30.28 -6.47 -19.19
N ASP B 11 -30.65 -7.73 -19.53
CA ASP B 11 -30.90 -8.78 -18.54
C ASP B 11 -29.59 -9.44 -18.11
N THR B 12 -29.60 -10.00 -16.90
CA THR B 12 -28.47 -10.77 -16.39
C THR B 12 -28.90 -12.24 -16.22
N ARG B 13 -27.94 -13.16 -16.07
CA ARG B 13 -28.24 -14.59 -16.04
C ARG B 13 -28.99 -14.98 -14.76
N ASP B 14 -28.71 -14.28 -13.65
CA ASP B 14 -29.32 -14.66 -12.38
C ASP B 14 -29.80 -13.41 -11.64
N GLY B 15 -31.10 -13.38 -11.34
CA GLY B 15 -31.72 -12.19 -10.81
C GLY B 15 -31.83 -11.08 -11.85
N VAL B 16 -32.02 -9.86 -11.29
CA VAL B 16 -32.11 -8.61 -12.02
C VAL B 16 -31.23 -7.59 -11.29
N ASN B 17 -30.34 -6.94 -12.06
CA ASN B 17 -29.46 -5.88 -11.59
C ASN B 17 -30.11 -4.52 -11.79
N ILE B 18 -30.19 -3.78 -10.67
CA ILE B 18 -30.78 -2.44 -10.66
C ILE B 18 -29.72 -1.44 -10.22
N LEU B 19 -29.40 -0.49 -11.12
CA LEU B 19 -28.52 0.64 -10.83
C LEU B 19 -29.22 1.64 -9.90
N ILE B 20 -28.60 1.96 -8.75
CA ILE B 20 -29.21 2.87 -7.77
C ILE B 20 -28.20 3.99 -7.47
N MET B 21 -28.67 5.24 -7.62
CA MET B 21 -27.81 6.41 -7.51
C MET B 21 -28.51 7.46 -6.66
N GLY B 22 -27.74 7.98 -5.73
CA GLY B 22 -28.11 9.19 -5.03
C GLY B 22 -27.45 10.39 -5.71
N THR B 23 -28.23 11.45 -5.90
CA THR B 23 -27.74 12.70 -6.47
C THR B 23 -27.91 13.82 -5.45
N ASP B 24 -27.15 14.90 -5.65
CA ASP B 24 -27.07 15.96 -4.67
C ASP B 24 -28.08 17.10 -4.86
N GLY B 25 -28.94 17.01 -5.88
CA GLY B 25 -29.91 18.05 -6.15
C GLY B 25 -30.93 18.23 -5.01
N ARG B 26 -31.81 19.22 -5.19
CA ARG B 26 -32.98 19.45 -4.35
C ARG B 26 -34.25 19.12 -5.15
N ILE B 27 -35.31 18.67 -4.45
CA ILE B 27 -36.60 18.30 -5.05
C ILE B 27 -36.97 19.26 -6.20
N GLY B 28 -36.69 18.82 -7.44
CA GLY B 28 -36.92 19.61 -8.64
C GLY B 28 -35.81 20.64 -8.90
N GLN B 29 -34.76 20.20 -9.61
CA GLN B 29 -33.58 21.03 -9.90
C GLN B 29 -33.05 20.69 -11.29
N ASN B 30 -32.20 21.58 -11.82
CA ASN B 30 -31.40 21.27 -13.00
C ASN B 30 -30.45 20.12 -12.68
N SER B 31 -30.70 18.95 -13.27
CA SER B 31 -29.86 17.78 -13.11
C SER B 31 -28.51 17.96 -13.79
N VAL B 32 -28.45 18.86 -14.79
CA VAL B 32 -27.19 19.24 -15.42
C VAL B 32 -26.29 19.94 -14.38
N GLU B 33 -26.90 20.40 -13.28
CA GLU B 33 -26.17 21.00 -12.18
C GLU B 33 -26.02 20.03 -11.00
N THR B 34 -26.00 18.71 -11.27
CA THR B 34 -26.18 17.71 -10.24
C THR B 34 -25.01 16.73 -10.25
N ARG B 35 -24.69 16.21 -9.07
CA ARG B 35 -23.60 15.30 -8.84
C ARG B 35 -24.12 13.99 -8.24
N THR B 36 -23.39 12.90 -8.51
CA THR B 36 -23.62 11.60 -7.91
C THR B 36 -22.88 11.48 -6.57
N ASP B 37 -23.64 11.21 -5.51
N ASP B 37 -23.64 11.22 -5.50
CA ASP B 37 -23.08 10.97 -4.18
CA ASP B 37 -23.11 11.02 -4.16
C ASP B 37 -22.98 9.48 -3.85
C ASP B 37 -22.96 9.52 -3.83
N SER B 38 -23.57 8.60 -4.68
N SER B 38 -23.54 8.65 -4.68
CA SER B 38 -23.56 7.18 -4.45
CA SER B 38 -23.58 7.21 -4.44
C SER B 38 -23.90 6.43 -5.72
C SER B 38 -23.90 6.45 -5.72
N ILE B 39 -23.17 5.34 -5.94
CA ILE B 39 -23.38 4.48 -7.08
C ILE B 39 -23.39 3.03 -6.59
N MET B 40 -24.53 2.35 -6.75
CA MET B 40 -24.74 0.98 -6.27
C MET B 40 -25.44 0.16 -7.36
N VAL B 41 -25.20 -1.16 -7.36
CA VAL B 41 -25.98 -2.12 -8.12
C VAL B 41 -26.56 -3.13 -7.15
N LEU B 42 -27.89 -3.28 -7.19
CA LEU B 42 -28.62 -4.22 -6.36
C LEU B 42 -29.16 -5.33 -7.26
N ASN B 43 -28.83 -6.57 -6.90
CA ASN B 43 -29.32 -7.77 -7.57
C ASN B 43 -30.45 -8.37 -6.73
N VAL B 44 -31.60 -8.55 -7.38
CA VAL B 44 -32.78 -9.13 -6.76
C VAL B 44 -33.31 -10.30 -7.62
N GLY B 45 -34.04 -11.20 -6.98
CA GLY B 45 -34.68 -12.33 -7.62
C GLY B 45 -33.73 -13.40 -8.13
N GLY B 46 -32.50 -13.45 -7.61
CA GLY B 46 -31.54 -14.50 -7.92
C GLY B 46 -31.95 -15.84 -7.32
N SER B 47 -31.35 -16.91 -7.82
CA SER B 47 -31.78 -18.27 -7.49
C SER B 47 -31.58 -18.57 -6.00
N ASP B 48 -30.48 -18.07 -5.43
CA ASP B 48 -30.13 -18.39 -4.05
C ASP B 48 -31.03 -17.65 -3.06
N LYS B 49 -31.98 -16.83 -3.56
CA LYS B 49 -32.96 -16.17 -2.72
C LYS B 49 -32.34 -15.09 -1.82
N LYS B 50 -31.12 -14.66 -2.16
CA LYS B 50 -30.44 -13.61 -1.39
C LYS B 50 -30.16 -12.40 -2.29
N MET B 51 -30.37 -11.21 -1.73
CA MET B 51 -30.03 -9.98 -2.40
C MET B 51 -28.52 -9.74 -2.33
N LYS B 52 -27.99 -9.16 -3.40
CA LYS B 52 -26.60 -8.70 -3.44
C LYS B 52 -26.55 -7.20 -3.72
N LEU B 53 -25.61 -6.50 -3.04
CA LEU B 53 -25.47 -5.05 -3.15
C LEU B 53 -23.99 -4.71 -3.33
N VAL B 54 -23.68 -3.99 -4.41
CA VAL B 54 -22.32 -3.59 -4.70
C VAL B 54 -22.28 -2.05 -4.81
N SER B 55 -21.41 -1.42 -4.03
CA SER B 55 -21.09 -0.01 -4.20
C SER B 55 -19.86 0.12 -5.11
N PHE B 56 -19.92 1.02 -6.07
CA PHE B 56 -18.73 1.47 -6.78
C PHE B 56 -18.26 2.80 -6.18
N MET B 57 -17.02 2.85 -5.70
CA MET B 57 -16.45 4.11 -5.24
C MET B 57 -16.44 5.10 -6.41
N ARG B 58 -16.80 6.35 -6.13
CA ARG B 58 -17.00 7.38 -7.14
C ARG B 58 -15.70 7.74 -7.88
N ASP B 59 -14.56 7.56 -7.20
CA ASP B 59 -13.27 7.88 -7.74
C ASP B 59 -12.68 6.77 -8.62
N ASN B 60 -13.36 5.64 -8.70
CA ASN B 60 -12.98 4.60 -9.64
C ASN B 60 -12.59 5.25 -10.98
N LEU B 61 -11.41 4.95 -11.50
CA LEU B 61 -11.02 5.40 -12.83
C LEU B 61 -11.53 4.39 -13.83
N VAL B 62 -12.15 4.90 -14.92
CA VAL B 62 -12.94 4.08 -15.82
C VAL B 62 -12.76 4.57 -17.26
N TYR B 63 -12.93 3.67 -18.23
CA TYR B 63 -13.00 4.01 -19.63
C TYR B 63 -14.43 4.43 -19.96
N ILE B 64 -14.58 5.69 -20.40
CA ILE B 64 -15.86 6.22 -20.85
C ILE B 64 -15.77 6.42 -22.35
N ASP B 65 -16.43 5.53 -23.10
CA ASP B 65 -16.42 5.51 -24.56
C ASP B 65 -16.83 6.87 -25.13
N GLY B 66 -16.05 7.36 -26.10
CA GLY B 66 -16.25 8.69 -26.66
C GLY B 66 -15.46 9.78 -25.93
N TYR B 67 -15.19 9.62 -24.63
CA TYR B 67 -14.54 10.66 -23.84
C TYR B 67 -13.12 10.30 -23.40
N SER B 68 -12.78 9.00 -23.37
CA SER B 68 -11.52 8.50 -22.84
C SER B 68 -10.52 8.30 -23.97
N GLN B 69 -9.24 8.37 -23.66
CA GLN B 69 -8.20 8.24 -24.67
C GLN B 69 -8.01 6.77 -25.06
N VAL B 70 -7.33 6.57 -26.19
CA VAL B 70 -6.88 5.26 -26.60
C VAL B 70 -5.45 5.38 -27.08
N ILE B 71 -4.50 4.77 -26.34
CA ILE B 71 -3.08 4.90 -26.60
C ILE B 71 -2.54 3.58 -27.14
N ASN B 72 -1.99 3.63 -28.36
CA ASN B 72 -1.54 2.45 -29.09
C ASN B 72 -2.58 1.34 -29.03
N GLY B 73 -3.86 1.69 -29.14
CA GLY B 73 -4.94 0.71 -29.07
C GLY B 73 -5.20 0.22 -27.65
N ARG B 74 -4.64 0.90 -26.64
CA ARG B 74 -4.99 0.63 -25.26
C ARG B 74 -6.03 1.66 -24.80
N LYS B 75 -7.21 1.17 -24.41
CA LYS B 75 -8.24 2.01 -23.82
C LYS B 75 -7.77 2.46 -22.44
N GLN B 76 -7.98 3.74 -22.10
CA GLN B 76 -7.51 4.31 -20.85
C GLN B 76 -8.67 4.47 -19.88
N THR B 77 -8.48 3.99 -18.65
CA THR B 77 -9.39 4.28 -17.57
C THR B 77 -8.98 5.60 -16.94
N ASP B 78 -9.36 6.69 -17.62
CA ASP B 78 -8.79 8.01 -17.38
C ASP B 78 -9.84 9.01 -16.93
N ASN B 79 -11.05 8.55 -16.65
CA ASN B 79 -12.09 9.40 -16.12
C ASN B 79 -12.61 8.81 -14.83
N LYS B 80 -13.04 9.66 -13.91
CA LYS B 80 -13.70 9.16 -12.72
C LYS B 80 -15.12 8.72 -13.07
N LEU B 81 -15.62 7.72 -12.34
CA LEU B 81 -16.94 7.17 -12.59
C LEU B 81 -18.06 8.20 -12.36
N ASN B 82 -17.94 9.09 -11.36
CA ASN B 82 -19.02 10.02 -11.04
C ASN B 82 -19.20 11.07 -12.13
N VAL B 83 -18.18 11.19 -12.99
CA VAL B 83 -18.20 12.06 -14.16
C VAL B 83 -19.17 11.52 -15.20
N ALA B 84 -19.28 10.20 -15.31
CA ALA B 84 -20.11 9.60 -16.36
C ALA B 84 -21.56 10.09 -16.30
N TYR B 85 -22.11 10.23 -15.10
CA TYR B 85 -23.44 10.76 -14.89
C TYR B 85 -23.53 12.19 -15.43
N GLU B 86 -22.63 13.07 -14.98
CA GLU B 86 -22.59 14.46 -15.41
C GLU B 86 -22.48 14.55 -16.92
N LEU B 87 -21.60 13.75 -17.56
CA LEU B 87 -21.47 13.76 -19.00
C LEU B 87 -22.82 13.43 -19.65
N GLY B 88 -23.57 12.52 -19.02
CA GLY B 88 -24.85 12.08 -19.56
C GLY B 88 -25.94 13.12 -19.37
N GLU B 89 -25.97 13.76 -18.19
CA GLU B 89 -26.94 14.81 -17.94
C GLU B 89 -26.70 15.98 -18.89
N GLN B 90 -25.43 16.22 -19.23
CA GLN B 90 -25.06 17.28 -20.15
C GLN B 90 -25.46 16.92 -21.58
N GLU B 91 -25.30 15.66 -21.98
CA GLU B 91 -25.74 15.23 -23.30
C GLU B 91 -27.25 15.37 -23.44
N GLY B 92 -27.98 15.27 -22.33
CA GLY B 92 -29.43 15.28 -22.39
C GLY B 92 -30.02 13.92 -21.99
N GLN B 93 -30.51 13.89 -20.75
CA GLN B 93 -31.20 12.80 -20.10
C GLN B 93 -30.49 11.46 -20.28
N LYS B 94 -29.14 11.41 -20.24
CA LYS B 94 -28.40 10.18 -20.46
C LYS B 94 -27.47 9.87 -19.28
N GLY B 95 -27.76 10.42 -18.10
CA GLY B 95 -26.93 10.21 -16.91
C GLY B 95 -26.87 8.74 -16.45
N ALA B 96 -28.06 8.17 -16.14
CA ALA B 96 -28.16 6.77 -15.76
C ALA B 96 -27.63 5.88 -16.88
N GLU B 97 -27.95 6.25 -18.11
CA GLU B 97 -27.54 5.46 -19.25
C GLU B 97 -26.02 5.43 -19.39
N MET B 98 -25.38 6.56 -19.13
CA MET B 98 -23.94 6.71 -19.28
C MET B 98 -23.23 5.83 -18.25
N VAL B 99 -23.72 5.90 -16.99
CA VAL B 99 -23.21 5.04 -15.92
C VAL B 99 -23.38 3.58 -16.33
N ARG B 100 -24.56 3.21 -16.87
CA ARG B 100 -24.81 1.86 -17.31
C ARG B 100 -23.76 1.41 -18.35
N GLN B 101 -23.52 2.22 -19.39
N GLN B 101 -23.53 2.22 -19.40
CA GLN B 101 -22.60 1.81 -20.44
CA GLN B 101 -22.60 1.86 -20.46
C GLN B 101 -21.20 1.63 -19.86
C GLN B 101 -21.20 1.64 -19.87
N VAL B 102 -20.82 2.51 -18.93
CA VAL B 102 -19.53 2.44 -18.26
C VAL B 102 -19.38 1.14 -17.45
N LEU B 103 -20.34 0.88 -16.54
CA LEU B 103 -20.33 -0.33 -15.73
C LEU B 103 -20.28 -1.58 -16.61
N LYS B 104 -20.92 -1.53 -17.78
CA LYS B 104 -20.87 -2.63 -18.73
C LYS B 104 -19.48 -2.76 -19.34
N ASP B 105 -18.92 -1.64 -19.78
CA ASP B 105 -17.64 -1.65 -20.48
C ASP B 105 -16.50 -1.98 -19.52
N ASN B 106 -16.60 -1.60 -18.24
CA ASN B 106 -15.45 -1.72 -17.35
C ASN B 106 -15.52 -2.98 -16.48
N PHE B 107 -16.74 -3.33 -16.06
CA PHE B 107 -17.01 -4.40 -15.10
C PHE B 107 -17.87 -5.52 -15.70
N ASP B 108 -18.24 -5.39 -16.98
CA ASP B 108 -19.06 -6.35 -17.69
C ASP B 108 -20.30 -6.75 -16.89
N LEU B 109 -20.97 -5.75 -16.33
CA LEU B 109 -22.26 -5.90 -15.69
C LEU B 109 -23.37 -5.55 -16.70
N ASP B 110 -24.42 -6.41 -16.70
CA ASP B 110 -25.66 -6.15 -17.38
C ASP B 110 -26.69 -5.72 -16.34
N ILE B 111 -27.30 -4.55 -16.59
CA ILE B 111 -28.17 -3.85 -15.65
C ILE B 111 -29.47 -3.57 -16.37
N LYS B 112 -30.58 -3.90 -15.71
CA LYS B 112 -31.86 -3.89 -16.37
C LYS B 112 -32.60 -2.57 -16.13
N TYR B 113 -32.59 -2.10 -14.87
CA TYR B 113 -33.34 -0.93 -14.42
C TYR B 113 -32.41 0.02 -13.65
N TYR B 114 -32.86 1.28 -13.48
CA TYR B 114 -32.24 2.26 -12.60
C TYR B 114 -33.29 2.87 -11.66
N ALA B 115 -32.80 3.40 -10.53
CA ALA B 115 -33.56 4.30 -9.66
C ALA B 115 -32.61 5.40 -9.16
N LEU B 116 -33.07 6.67 -9.23
N LEU B 116 -33.06 6.68 -9.23
CA LEU B 116 -32.29 7.84 -8.85
CA LEU B 116 -32.29 7.86 -8.86
C LEU B 116 -33.07 8.64 -7.80
C LEU B 116 -33.08 8.63 -7.80
N VAL B 117 -32.40 9.04 -6.72
CA VAL B 117 -33.00 9.92 -5.72
C VAL B 117 -32.04 11.07 -5.40
N ASP B 118 -32.59 12.28 -5.26
CA ASP B 118 -31.81 13.39 -4.72
C ASP B 118 -31.94 13.37 -3.19
N PHE B 119 -31.06 14.11 -2.54
CA PHE B 119 -30.96 14.19 -1.08
C PHE B 119 -32.26 14.66 -0.45
N GLN B 120 -32.85 15.73 -0.99
CA GLN B 120 -34.04 16.30 -0.39
C GLN B 120 -35.18 15.28 -0.45
N ALA B 121 -35.38 14.70 -1.64
CA ALA B 121 -36.36 13.63 -1.82
C ALA B 121 -36.17 12.57 -0.76
N PHE B 122 -34.93 12.07 -0.66
CA PHE B 122 -34.61 10.98 0.24
C PHE B 122 -35.09 11.32 1.64
N ALA B 123 -34.72 12.51 2.12
CA ALA B 123 -35.00 12.90 3.50
C ALA B 123 -36.51 12.97 3.73
N THR B 124 -37.21 13.64 2.80
CA THR B 124 -38.67 13.75 2.84
C THR B 124 -39.28 12.35 2.77
N ALA B 125 -38.81 11.55 1.80
CA ALA B 125 -39.32 10.21 1.60
C ALA B 125 -39.31 9.44 2.91
N ILE B 126 -38.21 9.59 3.68
CA ILE B 126 -37.96 8.79 4.86
C ILE B 126 -38.85 9.26 6.00
N ASP B 127 -39.03 10.58 6.09
CA ASP B 127 -39.94 11.15 7.06
C ASP B 127 -41.37 10.66 6.79
N THR B 128 -41.73 10.57 5.49
CA THR B 128 -43.06 10.15 5.07
C THR B 128 -43.30 8.67 5.42
N LEU B 129 -42.36 7.80 5.05
CA LEU B 129 -42.48 6.36 5.29
C LEU B 129 -42.28 5.97 6.75
N PHE B 130 -41.38 6.66 7.47
CA PHE B 130 -40.93 6.21 8.78
C PHE B 130 -41.18 7.31 9.80
N PRO B 131 -42.36 7.39 10.44
CA PRO B 131 -42.72 8.53 11.29
C PRO B 131 -41.91 8.53 12.58
N ASP B 132 -41.45 7.35 13.00
CA ASP B 132 -40.58 7.21 14.16
C ASP B 132 -39.13 6.98 13.75
N GLY B 133 -38.80 7.33 12.50
CA GLY B 133 -37.42 7.27 12.03
C GLY B 133 -36.95 5.84 11.79
N VAL B 134 -35.75 5.72 11.22
CA VAL B 134 -35.12 4.45 10.92
C VAL B 134 -34.13 4.12 12.05
N THR B 135 -34.16 2.86 12.50
CA THR B 135 -33.22 2.39 13.50
C THR B 135 -31.90 2.11 12.81
N ILE B 136 -30.82 2.78 13.27
CA ILE B 136 -29.48 2.57 12.75
C ILE B 136 -28.51 2.43 13.93
N ASP B 137 -27.59 1.46 13.84
CA ASP B 137 -26.46 1.36 14.75
C ASP B 137 -25.29 2.16 14.17
N ALA B 138 -25.19 3.43 14.56
CA ALA B 138 -24.21 4.34 13.96
C ALA B 138 -22.80 3.90 14.31
N GLN B 139 -21.95 3.73 13.28
CA GLN B 139 -20.58 3.32 13.48
C GLN B 139 -19.65 3.98 12.49
N PHE B 140 -18.49 4.44 13.01
CA PHE B 140 -17.49 5.12 12.21
C PHE B 140 -16.16 4.40 12.35
N SER B 141 -15.25 4.69 11.42
CA SER B 141 -13.90 4.15 11.50
C SER B 141 -13.08 4.95 12.52
N THR B 142 -11.76 4.85 12.43
CA THR B 142 -10.87 5.68 13.24
C THR B 142 -10.70 7.02 12.53
N LEU B 143 -10.08 7.96 13.25
CA LEU B 143 -9.56 9.19 12.67
C LEU B 143 -8.12 9.38 13.14
N ASN B 144 -7.17 9.24 12.22
CA ASN B 144 -5.75 9.22 12.54
C ASN B 144 -5.45 8.15 13.59
N GLY B 145 -6.12 6.98 13.49
CA GLY B 145 -5.92 5.86 14.41
C GLY B 145 -6.82 5.94 15.64
N ARG B 146 -7.34 7.12 15.97
CA ARG B 146 -8.10 7.28 17.19
C ARG B 146 -9.53 6.81 16.93
N PRO B 147 -10.15 6.04 17.84
CA PRO B 147 -11.58 5.70 17.75
C PRO B 147 -12.43 6.97 17.76
N LEU B 148 -13.44 7.01 16.88
CA LEU B 148 -14.50 8.00 16.99
C LEU B 148 -15.64 7.43 17.84
N THR B 149 -16.15 8.26 18.76
CA THR B 149 -17.37 7.94 19.48
C THR B 149 -18.50 8.86 19.01
N GLU B 150 -18.21 9.75 18.06
CA GLU B 150 -19.22 10.61 17.49
C GLU B 150 -18.62 11.32 16.27
N ALA B 151 -19.50 11.75 15.37
CA ALA B 151 -19.06 12.38 14.14
C ALA B 151 -19.84 13.68 13.92
N THR B 152 -19.12 14.70 13.49
CA THR B 152 -19.72 15.96 13.07
C THR B 152 -19.92 15.88 11.56
N VAL B 153 -21.19 16.06 11.18
CA VAL B 153 -21.64 16.00 9.79
C VAL B 153 -22.21 17.36 9.41
N GLY B 154 -21.79 17.88 8.25
CA GLY B 154 -22.42 19.05 7.65
C GLY B 154 -23.91 18.79 7.39
N ASP B 155 -24.78 19.69 7.90
CA ASP B 155 -26.22 19.52 7.81
C ASP B 155 -26.70 20.26 6.56
N ASP B 156 -26.41 19.68 5.39
CA ASP B 156 -26.41 20.40 4.12
C ASP B 156 -27.81 20.78 3.64
N LEU B 157 -28.85 20.12 4.17
CA LEU B 157 -30.23 20.46 3.81
C LEU B 157 -30.62 21.81 4.43
N TYR B 158 -29.85 22.32 5.39
CA TYR B 158 -30.12 23.63 5.97
C TYR B 158 -28.94 24.58 5.71
N ALA B 159 -28.21 24.36 4.61
CA ALA B 159 -26.96 25.08 4.35
C ALA B 159 -27.21 26.43 3.66
N SER B 164 -23.18 27.15 6.71
CA SER B 164 -23.83 25.81 6.72
C SER B 164 -23.75 25.18 8.11
N PRO B 165 -24.90 24.89 8.80
CA PRO B 165 -24.86 24.25 10.11
C PRO B 165 -24.29 22.83 10.02
N THR B 166 -24.01 22.23 11.18
CA THR B 166 -23.55 20.85 11.27
C THR B 166 -24.35 20.13 12.35
N GLN B 167 -24.15 18.82 12.43
CA GLN B 167 -24.83 17.98 13.39
C GLN B 167 -23.85 16.92 13.90
N THR B 168 -24.07 16.47 15.13
CA THR B 168 -23.22 15.44 15.73
C THR B 168 -24.04 14.17 15.91
N ILE B 169 -23.54 13.08 15.33
CA ILE B 169 -24.14 11.77 15.51
C ILE B 169 -23.22 10.97 16.43
N LYS B 170 -23.74 10.57 17.59
CA LYS B 170 -23.03 9.67 18.49
C LYS B 170 -23.13 8.26 17.94
N VAL B 171 -22.12 7.44 18.26
CA VAL B 171 -22.07 6.04 17.86
C VAL B 171 -23.17 5.27 18.58
N GLY B 172 -23.67 4.18 17.96
CA GLY B 172 -24.62 3.29 18.61
C GLY B 172 -26.04 3.36 18.03
N LYS B 173 -26.86 2.39 18.47
CA LYS B 173 -28.25 2.21 18.07
C LYS B 173 -29.09 3.43 18.43
N GLN B 174 -29.80 3.97 17.43
CA GLN B 174 -30.68 5.12 17.61
C GLN B 174 -31.67 5.20 16.45
N GLN B 175 -32.67 6.07 16.63
CA GLN B 175 -33.62 6.39 15.58
C GLN B 175 -33.10 7.61 14.82
N MET B 176 -33.17 7.54 13.48
CA MET B 176 -32.73 8.62 12.61
C MET B 176 -33.87 9.06 11.69
N ASN B 177 -34.22 10.35 11.77
CA ASN B 177 -35.08 11.00 10.80
C ASN B 177 -34.31 11.16 9.48
N GLY B 178 -35.03 11.63 8.45
CA GLY B 178 -34.50 11.67 7.08
C GLY B 178 -33.20 12.45 6.99
N SER B 179 -33.19 13.62 7.62
CA SER B 179 -32.05 14.52 7.56
C SER B 179 -30.83 13.89 8.23
N THR B 180 -31.07 13.26 9.39
CA THR B 180 -30.00 12.60 10.11
C THR B 180 -29.44 11.48 9.27
N LEU B 181 -30.36 10.65 8.77
CA LEU B 181 -30.01 9.43 8.07
C LEU B 181 -29.24 9.79 6.79
N LEU B 182 -29.69 10.82 6.10
CA LEU B 182 -28.97 11.30 4.94
C LEU B 182 -27.57 11.76 5.37
N ASN B 183 -27.50 12.53 6.46
CA ASN B 183 -26.24 13.05 6.93
C ASN B 183 -25.28 11.91 7.27
N TYR B 184 -25.83 10.86 7.88
CA TYR B 184 -25.06 9.68 8.27
C TYR B 184 -24.52 8.94 7.05
N ALA B 185 -25.33 8.90 5.98
CA ALA B 185 -24.97 8.23 4.74
C ALA B 185 -23.94 9.03 3.95
N ARG B 186 -23.85 10.34 4.23
CA ARG B 186 -22.98 11.22 3.47
C ARG B 186 -21.61 11.36 4.12
N PHE B 187 -21.50 11.02 5.41
CA PHE B 187 -20.29 11.27 6.19
C PHE B 187 -19.15 10.45 5.61
N ARG B 188 -17.99 11.11 5.44
CA ARG B 188 -16.82 10.45 4.89
C ARG B 188 -15.55 10.91 5.59
N ASP B 189 -15.67 11.56 6.77
CA ASP B 189 -14.55 12.31 7.32
C ASP B 189 -13.87 11.49 8.40
N ASP B 190 -13.44 10.28 8.02
CA ASP B 190 -12.72 9.38 8.89
C ASP B 190 -11.70 8.64 8.02
N ASP B 191 -10.99 7.70 8.64
CA ASP B 191 -9.84 7.07 8.02
C ASP B 191 -10.25 6.26 6.78
N GLU B 192 -11.52 5.84 6.73
CA GLU B 192 -12.01 5.04 5.61
C GLU B 192 -12.49 5.92 4.46
N ALA B 193 -12.69 7.24 4.68
CA ALA B 193 -13.05 8.14 3.61
C ALA B 193 -14.26 7.58 2.82
N ASP B 194 -14.26 7.62 1.47
CA ASP B 194 -15.41 7.23 0.65
C ASP B 194 -15.77 5.75 0.80
N TYR B 195 -14.77 4.90 1.03
CA TYR B 195 -15.00 3.48 1.21
C TYR B 195 -15.94 3.26 2.40
N GLY B 196 -15.72 3.99 3.49
CA GLY B 196 -16.51 3.80 4.69
C GLY B 196 -17.90 4.39 4.50
N ARG B 197 -17.96 5.45 3.69
CA ARG B 197 -19.23 6.01 3.27
C ARG B 197 -20.05 4.95 2.50
N THR B 198 -19.44 4.23 1.54
CA THR B 198 -20.14 3.19 0.81
C THR B 198 -20.77 2.21 1.80
N LYS B 199 -20.07 1.88 2.88
CA LYS B 199 -20.57 0.87 3.81
C LYS B 199 -21.72 1.46 4.63
N ARG B 200 -21.70 2.74 4.91
CA ARG B 200 -22.82 3.33 5.63
C ARG B 200 -24.03 3.46 4.70
N GLN B 201 -23.80 3.71 3.42
CA GLN B 201 -24.87 3.84 2.45
C GLN B 201 -25.57 2.48 2.32
N GLN B 202 -24.78 1.42 2.18
CA GLN B 202 -25.24 0.05 2.17
C GLN B 202 -26.01 -0.27 3.43
N GLN B 203 -25.50 0.20 4.57
CA GLN B 203 -26.15 -0.06 5.84
C GLN B 203 -27.55 0.57 5.86
N VAL B 204 -27.63 1.83 5.40
CA VAL B 204 -28.87 2.58 5.39
C VAL B 204 -29.90 1.91 4.47
N LEU B 205 -29.47 1.52 3.26
CA LEU B 205 -30.38 0.94 2.30
C LEU B 205 -30.95 -0.34 2.87
N THR B 206 -30.07 -1.20 3.38
CA THR B 206 -30.43 -2.45 4.01
C THR B 206 -31.44 -2.20 5.13
N ALA B 207 -31.16 -1.21 5.98
CA ALA B 207 -32.00 -0.92 7.12
C ALA B 207 -33.41 -0.57 6.64
N ILE B 208 -33.50 0.27 5.60
CA ILE B 208 -34.78 0.73 5.08
C ILE B 208 -35.61 -0.48 4.64
N LEU B 209 -35.03 -1.35 3.80
CA LEU B 209 -35.70 -2.53 3.30
C LEU B 209 -36.16 -3.42 4.45
N GLU B 210 -35.31 -3.61 5.46
CA GLU B 210 -35.60 -4.49 6.59
C GLU B 210 -36.74 -3.94 7.44
N GLN B 211 -36.87 -2.62 7.50
CA GLN B 211 -37.74 -2.00 8.49
C GLN B 211 -39.03 -1.50 7.87
N ILE B 212 -39.25 -1.79 6.59
CA ILE B 212 -40.55 -1.52 6.00
C ILE B 212 -41.57 -2.45 6.65
N LYS B 213 -42.56 -1.82 7.29
CA LYS B 213 -43.70 -2.49 7.90
C LYS B 213 -44.82 -2.50 6.86
N ASP B 214 -45.67 -3.54 6.87
CA ASP B 214 -46.86 -3.60 6.03
C ASP B 214 -46.53 -3.20 4.58
N PRO B 215 -45.77 -4.03 3.85
CA PRO B 215 -45.49 -3.76 2.44
C PRO B 215 -46.72 -3.94 1.54
N THR B 216 -47.90 -4.09 2.14
CA THR B 216 -49.12 -4.21 1.36
C THR B 216 -49.68 -2.84 0.98
N LYS B 217 -48.99 -1.74 1.29
CA LYS B 217 -49.40 -0.40 0.85
C LYS B 217 -49.18 -0.22 -0.65
N LEU B 218 -48.21 -0.96 -1.22
CA LEU B 218 -48.00 -1.03 -2.65
C LEU B 218 -49.32 -1.38 -3.32
N PHE B 219 -49.94 -2.43 -2.78
CA PHE B 219 -51.19 -2.98 -3.28
C PHE B 219 -52.32 -1.99 -3.04
N THR B 220 -52.63 -1.72 -1.77
CA THR B 220 -53.74 -0.86 -1.42
C THR B 220 -53.60 0.51 -2.07
N GLY B 221 -52.37 0.92 -2.42
CA GLY B 221 -52.12 2.26 -2.94
C GLY B 221 -52.08 3.28 -1.80
N SER B 222 -50.87 3.66 -1.41
CA SER B 222 -50.64 4.60 -0.32
C SER B 222 -50.26 5.96 -0.91
N GLU B 223 -50.78 7.06 -0.37
CA GLU B 223 -50.35 8.37 -0.84
C GLU B 223 -48.90 8.62 -0.42
N ALA B 224 -48.48 8.02 0.69
CA ALA B 224 -47.09 8.10 1.12
C ALA B 224 -46.18 7.54 0.04
N LEU B 225 -46.41 6.28 -0.34
CA LEU B 225 -45.64 5.63 -1.39
C LEU B 225 -45.66 6.48 -2.67
N GLY B 226 -46.82 7.06 -2.96
CA GLY B 226 -46.98 7.95 -4.10
C GLY B 226 -46.08 9.18 -4.00
N LYS B 227 -46.07 9.83 -2.82
CA LYS B 227 -45.22 10.99 -2.62
C LYS B 227 -43.79 10.60 -2.95
N VAL B 228 -43.38 9.41 -2.47
CA VAL B 228 -42.03 8.91 -2.71
C VAL B 228 -41.76 8.79 -4.20
N PHE B 229 -42.65 8.08 -4.91
CA PHE B 229 -42.50 7.89 -6.33
C PHE B 229 -42.32 9.23 -7.05
N ALA B 230 -43.12 10.22 -6.67
CA ALA B 230 -43.06 11.55 -7.27
C ALA B 230 -41.66 12.14 -7.18
N MET B 231 -40.94 11.79 -6.10
CA MET B 231 -39.63 12.38 -5.82
C MET B 231 -38.50 11.50 -6.36
N THR B 232 -38.85 10.44 -7.11
CA THR B 232 -37.88 9.48 -7.61
C THR B 232 -37.91 9.42 -9.14
N SER B 233 -36.76 9.15 -9.75
CA SER B 233 -36.67 8.79 -11.15
C SER B 233 -36.30 7.32 -11.27
N THR B 234 -37.14 6.52 -11.94
CA THR B 234 -36.92 5.09 -12.04
C THR B 234 -37.65 4.53 -13.26
N ASN B 235 -37.11 3.46 -13.86
CA ASN B 235 -37.82 2.79 -14.94
C ASN B 235 -38.24 1.39 -14.52
N VAL B 236 -38.30 1.14 -13.20
CA VAL B 236 -38.74 -0.17 -12.73
C VAL B 236 -40.24 -0.34 -13.00
N PRO B 237 -40.69 -1.37 -13.78
CA PRO B 237 -42.11 -1.52 -14.11
C PRO B 237 -42.94 -1.83 -12.87
N TYR B 238 -44.14 -1.24 -12.82
CA TYR B 238 -44.94 -1.34 -11.61
C TYR B 238 -45.35 -2.80 -11.35
N THR B 239 -45.57 -3.60 -12.42
CA THR B 239 -45.94 -4.99 -12.21
C THR B 239 -44.75 -5.77 -11.68
N PHE B 240 -43.53 -5.35 -12.02
CA PHE B 240 -42.33 -5.99 -11.48
C PHE B 240 -42.29 -5.78 -9.95
N LEU B 241 -42.68 -4.59 -9.49
CA LEU B 241 -42.80 -4.31 -8.07
C LEU B 241 -43.90 -5.16 -7.42
N LEU B 242 -45.02 -5.33 -8.13
CA LEU B 242 -46.13 -6.10 -7.58
C LEU B 242 -45.78 -7.58 -7.48
N THR B 243 -44.94 -8.10 -8.40
CA THR B 243 -44.63 -9.52 -8.49
C THR B 243 -43.39 -9.86 -7.69
N ASN B 244 -42.48 -8.92 -7.46
CA ASN B 244 -41.19 -9.22 -6.88
C ASN B 244 -40.94 -8.42 -5.60
N GLY B 245 -41.90 -7.58 -5.19
CA GLY B 245 -41.74 -6.74 -4.02
C GLY B 245 -41.50 -7.50 -2.72
N LEU B 246 -42.43 -8.39 -2.37
CA LEU B 246 -42.35 -9.08 -1.08
C LEU B 246 -41.14 -10.02 -1.05
N SER B 247 -40.75 -10.56 -2.21
CA SER B 247 -39.56 -11.40 -2.30
C SER B 247 -38.30 -10.61 -1.92
N VAL B 248 -38.26 -9.35 -2.35
CA VAL B 248 -37.11 -8.49 -2.07
C VAL B 248 -37.09 -8.12 -0.59
N LEU B 249 -38.26 -7.82 -0.02
CA LEU B 249 -38.32 -7.44 1.38
C LEU B 249 -38.06 -8.66 2.28
N ASP B 250 -38.42 -9.86 1.83
CA ASP B 250 -38.13 -11.09 2.56
C ASP B 250 -36.66 -11.48 2.38
N GLY B 251 -36.15 -11.39 1.15
CA GLY B 251 -34.73 -11.61 0.88
C GLY B 251 -33.81 -10.80 1.80
N ALA B 252 -34.29 -9.66 2.32
CA ALA B 252 -33.55 -8.83 3.27
C ALA B 252 -33.41 -9.50 4.64
N LYS B 253 -34.39 -10.33 5.02
CA LYS B 253 -34.30 -11.08 6.27
C LYS B 253 -33.18 -12.11 6.16
N ASN B 254 -32.98 -12.70 4.98
CA ASN B 254 -31.89 -13.64 4.77
C ASN B 254 -30.53 -12.94 4.75
N GLY B 255 -30.52 -11.60 4.74
CA GLY B 255 -29.27 -10.86 4.74
C GLY B 255 -28.75 -10.60 3.32
N ILE B 256 -28.04 -9.47 3.18
CA ILE B 256 -27.58 -9.00 1.89
C ILE B 256 -26.06 -9.15 1.81
N GLU B 257 -25.62 -9.87 0.78
CA GLU B 257 -24.22 -9.99 0.44
C GLU B 257 -23.75 -8.65 -0.13
N LYS B 258 -22.71 -8.04 0.49
CA LYS B 258 -22.28 -6.68 0.17
C LYS B 258 -20.85 -6.67 -0.38
N LEU B 259 -20.54 -5.70 -1.23
CA LEU B 259 -19.18 -5.52 -1.71
C LEU B 259 -18.99 -4.05 -2.06
N THR B 260 -17.82 -3.48 -1.76
CA THR B 260 -17.40 -2.21 -2.32
C THR B 260 -16.29 -2.47 -3.33
N ILE B 261 -16.36 -1.78 -4.47
CA ILE B 261 -15.36 -1.92 -5.51
C ILE B 261 -14.70 -0.57 -5.71
N PRO B 262 -13.36 -0.44 -5.59
CA PRO B 262 -12.50 -1.50 -5.06
C PRO B 262 -12.65 -1.63 -3.55
N GLU B 263 -12.04 -2.68 -2.99
N GLU B 263 -12.03 -2.68 -2.99
CA GLU B 263 -11.97 -2.83 -1.55
CA GLU B 263 -11.92 -2.85 -1.55
C GLU B 263 -10.90 -1.90 -0.98
C GLU B 263 -10.89 -1.87 -0.98
N LEU B 264 -10.99 -1.64 0.33
CA LEU B 264 -10.16 -0.65 1.01
C LEU B 264 -8.68 -0.91 0.75
N GLY B 265 -7.99 0.10 0.23
CA GLY B 265 -6.58 -0.01 -0.06
C GLY B 265 -6.30 -0.71 -1.38
N ASP B 266 -7.28 -1.40 -1.98
CA ASP B 266 -6.98 -2.28 -3.10
C ASP B 266 -6.98 -1.50 -4.41
N TRP B 267 -6.10 -0.51 -4.49
CA TRP B 267 -6.04 0.39 -5.63
C TRP B 267 -4.72 1.18 -5.65
N VAL B 268 -4.40 1.78 -6.81
CA VAL B 268 -3.28 2.69 -6.96
C VAL B 268 -3.81 4.06 -7.34
N ASP B 269 -3.30 5.14 -6.73
CA ASP B 269 -3.64 6.52 -7.10
C ASP B 269 -3.15 6.85 -8.50
N ALA B 270 -3.97 7.59 -9.27
CA ALA B 270 -3.55 8.05 -10.59
C ALA B 270 -4.43 9.22 -11.05
N TYR B 271 -3.85 10.06 -11.92
CA TYR B 271 -4.52 11.24 -12.38
C TYR B 271 -5.51 10.90 -13.49
N ASP B 272 -6.71 11.50 -13.42
CA ASP B 272 -7.63 11.51 -14.54
C ASP B 272 -7.16 12.55 -15.57
N VAL B 273 -7.88 12.66 -16.71
CA VAL B 273 -7.47 13.55 -17.77
C VAL B 273 -7.65 15.00 -17.35
N TYR B 274 -8.33 15.25 -16.22
CA TYR B 274 -8.58 16.60 -15.77
C TYR B 274 -7.58 17.02 -14.70
N GLY B 275 -6.68 16.11 -14.31
CA GLY B 275 -5.71 16.40 -13.28
C GLY B 275 -6.27 16.19 -11.88
N GLY B 276 -7.45 15.57 -11.78
CA GLY B 276 -7.91 15.04 -10.50
C GLY B 276 -7.26 13.68 -10.19
N LEU B 277 -7.36 13.24 -8.94
CA LEU B 277 -6.74 12.00 -8.54
C LEU B 277 -7.80 10.94 -8.30
N GLY B 278 -7.64 9.77 -8.93
CA GLY B 278 -8.65 8.71 -8.85
C GLY B 278 -8.04 7.37 -8.46
N LEU B 279 -8.86 6.31 -8.49
CA LEU B 279 -8.43 4.98 -8.10
C LEU B 279 -8.27 4.12 -9.35
N LEU B 280 -7.07 3.65 -9.62
CA LEU B 280 -6.82 2.72 -10.69
C LEU B 280 -6.93 1.31 -10.08
N VAL B 281 -7.83 0.50 -10.62
CA VAL B 281 -8.19 -0.76 -9.98
C VAL B 281 -7.97 -1.89 -10.97
N ASP B 282 -7.85 -3.11 -10.44
CA ASP B 282 -7.77 -4.32 -11.22
C ASP B 282 -9.19 -4.78 -11.56
N GLN B 283 -9.69 -4.35 -12.73
CA GLN B 283 -11.10 -4.51 -13.07
C GLN B 283 -11.44 -5.99 -13.26
N ASN B 284 -10.53 -6.72 -13.90
CA ASN B 284 -10.66 -8.15 -14.08
C ASN B 284 -10.92 -8.86 -12.77
N LYS B 285 -10.07 -8.63 -11.78
CA LYS B 285 -10.28 -9.26 -10.49
C LYS B 285 -11.68 -8.96 -9.96
N TYR B 286 -12.17 -7.73 -10.11
CA TYR B 286 -13.50 -7.36 -9.61
C TYR B 286 -14.61 -7.92 -10.50
N GLN B 287 -14.33 -8.13 -11.79
CA GLN B 287 -15.27 -8.86 -12.63
C GLN B 287 -15.49 -10.29 -12.10
N THR B 288 -14.40 -10.92 -11.62
CA THR B 288 -14.44 -12.27 -11.07
C THR B 288 -15.25 -12.31 -9.78
N LYS B 289 -15.09 -11.29 -8.94
CA LYS B 289 -15.80 -11.23 -7.67
C LYS B 289 -17.29 -11.04 -7.92
N LEU B 290 -17.61 -10.22 -8.93
CA LEU B 290 -19.00 -9.98 -9.28
C LEU B 290 -19.64 -11.28 -9.75
N ALA B 291 -18.88 -12.05 -10.55
CA ALA B 291 -19.34 -13.34 -11.02
C ALA B 291 -19.61 -14.24 -9.82
N GLN B 292 -18.65 -14.28 -8.88
CA GLN B 292 -18.77 -15.10 -7.70
C GLN B 292 -19.97 -14.70 -6.85
N MET B 293 -20.33 -13.41 -6.84
CA MET B 293 -21.47 -12.97 -6.06
C MET B 293 -22.78 -13.23 -6.78
N GLY B 294 -22.72 -13.53 -8.08
CA GLY B 294 -23.93 -13.79 -8.86
C GLY B 294 -24.53 -12.57 -9.55
N LEU B 295 -23.72 -11.54 -9.78
CA LEU B 295 -24.20 -10.33 -10.48
C LEU B 295 -23.85 -10.41 -11.96
N ARG B 296 -22.93 -11.31 -12.32
CA ARG B 296 -22.47 -11.46 -13.69
C ARG B 296 -22.57 -12.92 -14.10
N ALA B 297 -22.48 -13.84 -13.16
CA ALA B 297 -22.72 -15.22 -13.52
C ALA B 297 -22.07 -15.49 -14.88
N ALA B 298 -20.75 -15.23 -14.95
CA ALA B 298 -19.87 -15.75 -15.98
C ALA B 298 -18.88 -16.73 -15.34
N ALA B 299 -19.43 -17.91 -14.98
CA ALA B 299 -18.77 -18.97 -14.22
C ALA B 299 -18.68 -18.57 -12.74
N GLY C 2 -1.43 5.21 19.00
CA GLY C 2 -1.23 6.19 17.92
C GLY C 2 -0.26 7.27 18.37
N GLN C 3 0.32 8.04 17.44
CA GLN C 3 1.60 8.73 17.67
C GLN C 3 1.59 9.47 19.01
N VAL C 4 0.87 10.57 19.15
CA VAL C 4 0.92 11.33 20.40
C VAL C 4 0.17 10.59 21.51
N GLU C 5 0.81 10.48 22.69
CA GLU C 5 0.26 9.77 23.83
C GLU C 5 0.62 10.49 25.11
N VAL C 6 -0.37 10.71 25.98
CA VAL C 6 -0.16 11.14 27.34
C VAL C 6 0.51 10.01 28.13
N PHE C 7 1.36 10.37 29.10
CA PHE C 7 1.98 9.39 29.98
C PHE C 7 2.46 10.09 31.26
N ASN C 8 1.99 9.62 32.41
CA ASN C 8 2.47 10.07 33.71
C ASN C 8 3.29 8.93 34.33
N GLY C 9 4.44 8.67 33.70
CA GLY C 9 5.39 7.64 34.13
C GLY C 9 5.78 7.75 35.61
N GLN C 10 5.97 6.60 36.25
CA GLN C 10 6.49 6.58 37.61
C GLN C 10 7.72 5.69 37.64
N ASP C 11 8.56 5.94 38.65
CA ASP C 11 9.82 5.24 38.89
C ASP C 11 9.55 4.00 39.73
N THR C 12 10.47 3.04 39.58
CA THR C 12 10.41 1.79 40.35
C THR C 12 11.70 1.71 41.17
N ARG C 13 11.66 0.89 42.23
N ARG C 13 11.64 0.94 42.27
CA ARG C 13 12.78 0.84 43.17
CA ARG C 13 12.74 0.78 43.21
C ARG C 13 13.99 0.14 42.56
C ARG C 13 13.98 0.16 42.54
N ASP C 14 13.76 -0.79 41.61
CA ASP C 14 14.86 -1.53 41.01
C ASP C 14 14.73 -1.57 39.47
N GLY C 15 15.74 -1.06 38.78
CA GLY C 15 15.69 -0.88 37.34
C GLY C 15 14.66 0.19 36.90
N VAL C 16 14.29 0.10 35.61
CA VAL C 16 13.29 0.93 34.96
C VAL C 16 12.34 0.01 34.19
N ASN C 17 11.03 0.17 34.46
CA ASN C 17 9.95 -0.54 33.76
C ASN C 17 9.44 0.23 32.55
N ILE C 18 9.46 -0.44 31.40
CA ILE C 18 9.02 0.11 30.14
C ILE C 18 7.87 -0.71 29.58
N LEU C 19 6.69 -0.09 29.44
CA LEU C 19 5.51 -0.67 28.78
C LEU C 19 5.75 -0.74 27.27
N ILE C 20 5.62 -1.94 26.69
CA ILE C 20 5.79 -2.13 25.25
C ILE C 20 4.52 -2.78 24.71
N MET C 21 3.96 -2.20 23.64
CA MET C 21 2.70 -2.65 23.07
C MET C 21 2.82 -2.70 21.56
N GLY C 22 2.35 -3.82 21.01
CA GLY C 22 2.04 -3.92 19.59
C GLY C 22 0.56 -3.61 19.40
N THR C 23 0.26 -2.70 18.45
CA THR C 23 -1.10 -2.31 18.14
C THR C 23 -1.43 -2.68 16.70
N ASP C 24 -2.71 -2.89 16.45
CA ASP C 24 -3.20 -3.21 15.12
C ASP C 24 -3.65 -1.90 14.48
N GLY C 25 -2.92 -1.46 13.45
CA GLY C 25 -3.24 -0.23 12.74
C GLY C 25 -4.26 -0.49 11.63
N ARG C 26 -4.15 -1.65 10.98
CA ARG C 26 -4.96 -1.98 9.83
C ARG C 26 -6.23 -1.13 9.80
N ILE C 27 -6.16 -0.10 8.92
CA ILE C 27 -7.22 0.87 8.72
C ILE C 27 -8.53 0.11 8.55
N GLY C 28 -8.40 -1.10 7.96
CA GLY C 28 -9.47 -2.03 7.74
C GLY C 28 -10.72 -1.72 8.56
N GLN C 29 -10.59 -1.66 9.89
CA GLN C 29 -11.74 -1.74 10.80
C GLN C 29 -12.40 -3.09 10.59
N ASN C 30 -12.66 -3.42 9.33
CA ASN C 30 -12.90 -4.78 8.87
C ASN C 30 -11.74 -5.72 9.21
N SER C 31 -10.66 -5.20 9.79
CA SER C 31 -9.48 -5.98 10.11
C SER C 31 -9.00 -5.67 11.54
N VAL C 32 -9.94 -5.79 12.51
CA VAL C 32 -9.66 -5.52 13.93
C VAL C 32 -10.85 -5.97 14.78
N GLU C 33 -10.58 -6.64 15.92
CA GLU C 33 -11.56 -6.83 16.97
C GLU C 33 -11.21 -5.82 18.06
N THR C 34 -10.07 -6.06 18.71
CA THR C 34 -9.42 -5.08 19.57
C THR C 34 -8.02 -4.81 19.02
N ARG C 35 -7.51 -3.59 19.24
CA ARG C 35 -6.29 -3.20 18.56
C ARG C 35 -5.02 -3.40 19.39
N THR C 36 -5.05 -3.90 20.64
CA THR C 36 -3.81 -4.30 21.33
C THR C 36 -3.51 -5.78 21.07
N ASP C 37 -2.38 -6.09 20.41
CA ASP C 37 -2.02 -7.46 20.08
C ASP C 37 -1.02 -8.04 21.07
N SER C 38 -0.37 -7.19 21.88
CA SER C 38 0.68 -7.59 22.79
C SER C 38 0.89 -6.49 23.84
N ILE C 39 1.02 -6.93 25.07
CA ILE C 39 1.28 -6.07 26.20
C ILE C 39 2.42 -6.69 27.00
N MET C 40 3.54 -5.97 27.08
CA MET C 40 4.75 -6.41 27.73
C MET C 40 5.28 -5.29 28.65
N VAL C 41 5.94 -5.67 29.74
CA VAL C 41 6.74 -4.77 30.56
C VAL C 41 8.17 -5.30 30.57
N LEU C 42 9.09 -4.43 30.18
CA LEU C 42 10.52 -4.72 30.16
C LEU C 42 11.18 -3.92 31.28
N ASN C 43 11.90 -4.62 32.15
CA ASN C 43 12.67 -4.04 33.23
C ASN C 43 14.14 -4.09 32.84
N VAL C 44 14.77 -2.91 32.84
CA VAL C 44 16.18 -2.77 32.53
C VAL C 44 16.91 -2.04 33.66
N GLY C 45 18.19 -2.39 33.79
CA GLY C 45 19.10 -1.76 34.75
C GLY C 45 18.85 -2.15 36.22
N GLY C 46 18.16 -3.27 36.47
CA GLY C 46 17.96 -3.74 37.83
C GLY C 46 19.23 -4.34 38.43
N SER C 47 19.17 -4.55 39.75
CA SER C 47 20.38 -4.88 40.51
C SER C 47 20.91 -6.26 40.13
N ASP C 48 20.02 -7.22 39.82
CA ASP C 48 20.49 -8.58 39.58
C ASP C 48 21.16 -8.71 38.21
N LYS C 49 21.22 -7.61 37.45
CA LYS C 49 22.00 -7.57 36.21
C LYS C 49 21.35 -8.44 35.12
N LYS C 50 20.06 -8.79 35.28
CA LYS C 50 19.29 -9.42 34.22
C LYS C 50 18.15 -8.50 33.80
N MET C 51 17.91 -8.46 32.48
CA MET C 51 16.67 -7.91 31.95
C MET C 51 15.52 -8.86 32.24
N LYS C 52 14.35 -8.27 32.57
CA LYS C 52 13.13 -9.02 32.75
C LYS C 52 12.11 -8.56 31.71
N LEU C 53 11.38 -9.54 31.17
CA LEU C 53 10.29 -9.32 30.24
C LEU C 53 9.06 -10.06 30.71
N VAL C 54 7.96 -9.35 30.89
CA VAL C 54 6.70 -9.92 31.32
C VAL C 54 5.66 -9.62 30.25
N SER C 55 5.01 -10.68 29.72
CA SER C 55 3.83 -10.53 28.90
C SER C 55 2.59 -10.57 29.79
N PHE C 56 1.66 -9.64 29.59
CA PHE C 56 0.30 -9.80 30.08
C PHE C 56 -0.59 -10.35 28.97
N MET C 57 -1.21 -11.51 29.19
CA MET C 57 -2.19 -12.03 28.25
C MET C 57 -3.32 -11.01 28.12
N ARG C 58 -3.80 -10.80 26.89
CA ARG C 58 -4.73 -9.71 26.57
C ARG C 58 -6.10 -9.92 27.24
N ASP C 59 -6.43 -11.19 27.50
CA ASP C 59 -7.70 -11.57 28.09
C ASP C 59 -7.68 -11.49 29.62
N ASN C 60 -6.55 -11.13 30.22
CA ASN C 60 -6.52 -10.82 31.64
C ASN C 60 -7.77 -10.03 32.02
N LEU C 61 -8.52 -10.47 33.02
CA LEU C 61 -9.65 -9.71 33.53
C LEU C 61 -9.10 -8.77 34.59
N VAL C 62 -9.53 -7.50 34.52
CA VAL C 62 -8.88 -6.43 35.26
C VAL C 62 -9.94 -5.44 35.74
N TYR C 63 -9.63 -4.77 36.86
CA TYR C 63 -10.43 -3.67 37.36
C TYR C 63 -9.94 -2.40 36.65
N ILE C 64 -10.84 -1.78 35.88
CA ILE C 64 -10.59 -0.50 35.22
C ILE C 64 -11.43 0.54 35.93
N ASP C 65 -10.78 1.38 36.75
CA ASP C 65 -11.43 2.39 37.55
C ASP C 65 -12.31 3.29 36.68
N GLY C 66 -13.54 3.53 37.14
CA GLY C 66 -14.49 4.31 36.36
C GLY C 66 -15.38 3.45 35.46
N TYR C 67 -14.87 2.30 34.96
CA TYR C 67 -15.57 1.51 33.95
C TYR C 67 -16.02 0.14 34.50
N SER C 68 -15.43 -0.32 35.59
CA SER C 68 -15.69 -1.64 36.18
C SER C 68 -16.69 -1.48 37.32
N GLN C 69 -17.42 -2.55 37.63
CA GLN C 69 -18.43 -2.50 38.67
C GLN C 69 -17.79 -2.55 40.06
N VAL C 70 -18.60 -2.22 41.07
CA VAL C 70 -18.23 -2.41 42.46
C VAL C 70 -19.41 -3.04 43.19
N ILE C 71 -19.25 -4.27 43.66
CA ILE C 71 -20.32 -5.05 44.27
C ILE C 71 -20.05 -5.20 45.77
N ASN C 72 -20.98 -4.69 46.58
CA ASN C 72 -20.83 -4.63 48.03
C ASN C 72 -19.47 -4.06 48.41
N GLY C 73 -18.97 -3.07 47.65
CA GLY C 73 -17.67 -2.50 47.92
C GLY C 73 -16.51 -3.40 47.46
N ARG C 74 -16.82 -4.44 46.68
CA ARG C 74 -15.80 -5.25 46.04
C ARG C 74 -15.62 -4.78 44.60
N LYS C 75 -14.39 -4.36 44.28
CA LYS C 75 -14.01 -4.02 42.92
C LYS C 75 -13.98 -5.28 42.06
N GLN C 76 -14.51 -5.19 40.84
CA GLN C 76 -14.64 -6.33 39.94
C GLN C 76 -13.58 -6.26 38.85
N THR C 77 -12.87 -7.38 38.65
CA THR C 77 -11.99 -7.51 37.49
C THR C 77 -12.84 -8.05 36.34
N ASP C 78 -13.60 -7.14 35.71
CA ASP C 78 -14.69 -7.51 34.84
C ASP C 78 -14.50 -7.00 33.42
N ASN C 79 -13.31 -6.44 33.14
CA ASN C 79 -12.98 -6.01 31.80
C ASN C 79 -11.71 -6.69 31.36
N LYS C 80 -11.60 -6.98 30.07
CA LYS C 80 -10.34 -7.45 29.53
C LYS C 80 -9.34 -6.30 29.49
N LEU C 81 -8.06 -6.66 29.63
CA LEU C 81 -6.98 -5.69 29.64
C LEU C 81 -6.87 -4.93 28.31
N ASN C 82 -7.11 -5.59 27.17
CA ASN C 82 -6.91 -4.96 25.86
C ASN C 82 -7.93 -3.84 25.61
N VAL C 83 -8.99 -3.83 26.41
CA VAL C 83 -10.01 -2.80 26.38
C VAL C 83 -9.45 -1.47 26.89
N ALA C 84 -8.56 -1.54 27.89
CA ALA C 84 -8.09 -0.34 28.56
C ALA C 84 -7.44 0.64 27.58
N TYR C 85 -6.69 0.15 26.59
CA TYR C 85 -6.08 0.97 25.55
C TYR C 85 -7.15 1.70 24.76
N GLU C 86 -8.13 0.95 24.24
CA GLU C 86 -9.22 1.53 23.47
C GLU C 86 -9.96 2.58 24.31
N LEU C 87 -10.24 2.33 25.58
CA LEU C 87 -10.91 3.32 26.43
C LEU C 87 -10.06 4.59 26.52
N GLY C 88 -8.73 4.44 26.49
CA GLY C 88 -7.84 5.59 26.57
C GLY C 88 -7.76 6.36 25.26
N GLU C 89 -7.72 5.63 24.14
CA GLU C 89 -7.69 6.27 22.84
C GLU C 89 -9.00 7.01 22.61
N GLN C 90 -10.10 6.51 23.18
CA GLN C 90 -11.38 7.20 23.08
C GLN C 90 -11.38 8.44 23.96
N GLU C 91 -10.77 8.37 25.15
CA GLU C 91 -10.72 9.53 26.02
C GLU C 91 -9.88 10.64 25.39
N GLY C 92 -8.94 10.29 24.50
CA GLY C 92 -8.08 11.27 23.87
C GLY C 92 -6.61 11.05 24.22
N GLN C 93 -5.90 10.34 23.32
CA GLN C 93 -4.48 10.03 23.39
C GLN C 93 -4.07 9.60 24.79
N LYS C 94 -4.87 8.77 25.46
CA LYS C 94 -4.61 8.28 26.80
C LYS C 94 -4.56 6.75 26.82
N GLY C 95 -4.28 6.14 25.66
CA GLY C 95 -4.25 4.68 25.54
C GLY C 95 -3.15 4.03 26.38
N ALA C 96 -1.88 4.43 26.14
CA ALA C 96 -0.75 3.91 26.92
C ALA C 96 -0.96 4.25 28.39
N GLU C 97 -1.47 5.45 28.65
CA GLU C 97 -1.67 5.93 30.01
C GLU C 97 -2.69 5.07 30.74
N MET C 98 -3.75 4.66 30.04
CA MET C 98 -4.83 3.88 30.63
C MET C 98 -4.30 2.48 30.99
N VAL C 99 -3.55 1.86 30.09
CA VAL C 99 -2.90 0.59 30.36
C VAL C 99 -1.98 0.75 31.58
N ARG C 100 -1.21 1.85 31.66
CA ARG C 100 -0.37 2.12 32.81
C ARG C 100 -1.18 2.12 34.12
N GLN C 101 -2.28 2.88 34.15
N GLN C 101 -2.28 2.88 34.20
CA GLN C 101 -3.08 3.01 35.36
CA GLN C 101 -3.01 2.96 35.45
C GLN C 101 -3.62 1.64 35.77
C GLN C 101 -3.67 1.63 35.80
N VAL C 102 -4.04 0.85 34.79
CA VAL C 102 -4.60 -0.48 35.03
C VAL C 102 -3.53 -1.42 35.61
N LEU C 103 -2.36 -1.54 34.95
CA LEU C 103 -1.27 -2.37 35.42
C LEU C 103 -0.85 -1.96 36.85
N LYS C 104 -0.95 -0.67 37.16
CA LYS C 104 -0.67 -0.16 38.49
C LYS C 104 -1.74 -0.62 39.47
N ASP C 105 -3.00 -0.47 39.11
CA ASP C 105 -4.12 -0.81 39.98
C ASP C 105 -4.24 -2.30 40.19
N ASN C 106 -3.88 -3.14 39.21
CA ASN C 106 -4.15 -4.57 39.30
C ASN C 106 -2.92 -5.37 39.78
N PHE C 107 -1.72 -4.93 39.34
CA PHE C 107 -0.46 -5.64 39.56
C PHE C 107 0.54 -4.81 40.35
N ASP C 108 0.14 -3.59 40.74
CA ASP C 108 0.98 -2.65 41.50
C ASP C 108 2.35 -2.49 40.88
N LEU C 109 2.37 -2.36 39.56
CA LEU C 109 3.56 -2.01 38.81
C LEU C 109 3.64 -0.50 38.58
N ASP C 110 4.85 0.06 38.78
CA ASP C 110 5.20 1.42 38.42
C ASP C 110 6.02 1.36 37.13
N ILE C 111 5.55 2.13 36.11
CA ILE C 111 6.10 2.07 34.77
C ILE C 111 6.49 3.49 34.37
N LYS C 112 7.70 3.64 33.82
CA LYS C 112 8.30 4.94 33.63
C LYS C 112 8.04 5.42 32.21
N TYR C 113 8.25 4.52 31.23
CA TYR C 113 8.19 4.83 29.81
C TYR C 113 7.28 3.83 29.09
N TYR C 114 6.89 4.19 27.85
CA TYR C 114 6.19 3.30 26.93
C TYR C 114 6.87 3.36 25.56
N ALA C 115 6.65 2.31 24.77
CA ALA C 115 6.90 2.28 23.34
C ALA C 115 5.76 1.49 22.68
N LEU C 116 5.21 2.04 21.58
N LEU C 116 5.12 2.07 21.64
CA LEU C 116 4.10 1.45 20.86
CA LEU C 116 4.08 1.39 20.87
C LEU C 116 4.50 1.31 19.39
C LEU C 116 4.53 1.28 19.42
N VAL C 117 4.22 0.14 18.80
CA VAL C 117 4.37 -0.04 17.36
C VAL C 117 3.09 -0.67 16.82
N ASP C 118 2.65 -0.20 15.65
CA ASP C 118 1.61 -0.88 14.90
C ASP C 118 2.28 -1.92 14.01
N PHE C 119 1.45 -2.84 13.50
CA PHE C 119 1.90 -3.98 12.71
C PHE C 119 2.66 -3.54 11.47
N GLN C 120 2.09 -2.58 10.75
CA GLN C 120 2.69 -2.17 9.48
C GLN C 120 4.07 -1.56 9.73
N ALA C 121 4.14 -0.63 10.68
CA ALA C 121 5.40 -0.04 11.09
C ALA C 121 6.41 -1.14 11.41
N PHE C 122 6.00 -2.09 12.26
CA PHE C 122 6.88 -3.15 12.73
C PHE C 122 7.50 -3.85 11.52
N ALA C 123 6.66 -4.23 10.56
CA ALA C 123 7.09 -5.01 9.41
C ALA C 123 8.10 -4.21 8.59
N THR C 124 7.75 -2.95 8.30
CA THR C 124 8.60 -2.05 7.56
C THR C 124 9.89 -1.82 8.36
N ALA C 125 9.75 -1.55 9.65
CA ALA C 125 10.89 -1.29 10.52
C ALA C 125 11.92 -2.42 10.38
N ILE C 126 11.42 -3.66 10.33
CA ILE C 126 12.26 -4.84 10.36
C ILE C 126 12.95 -5.02 9.01
N ASP C 127 12.20 -4.75 7.93
CA ASP C 127 12.77 -4.76 6.60
C ASP C 127 13.89 -3.72 6.51
N THR C 128 13.68 -2.56 7.11
CA THR C 128 14.65 -1.46 7.11
C THR C 128 15.92 -1.85 7.85
N LEU C 129 15.78 -2.34 9.09
CA LEU C 129 16.91 -2.72 9.93
C LEU C 129 17.61 -4.00 9.48
N PHE C 130 16.84 -4.97 8.95
CA PHE C 130 17.35 -6.32 8.76
C PHE C 130 17.15 -6.74 7.31
N PRO C 131 18.10 -6.44 6.40
CA PRO C 131 17.89 -6.67 4.98
C PRO C 131 17.90 -8.15 4.64
N ASP C 132 18.53 -8.97 5.49
CA ASP C 132 18.51 -10.42 5.35
C ASP C 132 17.51 -11.06 6.29
N GLY C 133 16.60 -10.26 6.86
CA GLY C 133 15.61 -10.78 7.79
C GLY C 133 16.20 -11.18 9.13
N VAL C 134 15.32 -11.53 10.06
CA VAL C 134 15.68 -11.96 11.41
C VAL C 134 15.73 -13.48 11.45
N THR C 135 16.77 -14.02 12.09
CA THR C 135 16.88 -15.46 12.29
C THR C 135 15.97 -15.85 13.44
N ILE C 136 15.03 -16.75 13.18
CA ILE C 136 14.12 -17.27 14.21
C ILE C 136 14.04 -18.79 14.10
N ASP C 137 14.07 -19.46 15.25
CA ASP C 137 13.82 -20.89 15.33
C ASP C 137 12.34 -21.12 15.59
N ALA C 138 11.57 -21.26 14.51
CA ALA C 138 10.12 -21.30 14.58
C ALA C 138 9.67 -22.55 15.32
N GLN C 139 8.80 -22.38 16.33
CA GLN C 139 8.31 -23.52 17.09
C GLN C 139 6.86 -23.31 17.52
N PHE C 140 6.06 -24.38 17.37
CA PHE C 140 4.65 -24.36 17.71
C PHE C 140 4.34 -25.50 18.67
N SER C 141 3.18 -25.41 19.34
CA SER C 141 2.73 -26.44 20.23
C SER C 141 2.09 -27.59 19.41
N THR C 142 1.28 -28.41 20.08
CA THR C 142 0.46 -29.39 19.37
C THR C 142 -0.80 -28.70 18.88
N LEU C 143 -1.57 -29.41 18.06
CA LEU C 143 -2.93 -29.05 17.72
C LEU C 143 -3.81 -30.30 17.88
N ASN C 144 -4.70 -30.26 18.89
CA ASN C 144 -5.47 -31.43 19.28
C ASN C 144 -4.55 -32.62 19.57
N GLY C 145 -3.39 -32.38 20.19
CA GLY C 145 -2.44 -33.41 20.54
C GLY C 145 -1.44 -33.73 19.41
N ARG C 146 -1.75 -33.37 18.17
CA ARG C 146 -0.87 -33.71 17.06
C ARG C 146 0.27 -32.72 17.02
N PRO C 147 1.54 -33.17 16.87
CA PRO C 147 2.64 -32.23 16.65
C PRO C 147 2.43 -31.48 15.34
N LEU C 148 2.69 -30.17 15.36
CA LEU C 148 2.78 -29.38 14.15
C LEU C 148 4.24 -29.35 13.70
N THR C 149 4.46 -29.55 12.40
CA THR C 149 5.74 -29.26 11.78
C THR C 149 5.63 -28.00 10.90
N GLU C 150 4.45 -27.37 10.92
CA GLU C 150 4.25 -26.11 10.24
C GLU C 150 2.97 -25.48 10.74
N ALA C 151 2.82 -24.18 10.54
CA ALA C 151 1.61 -23.47 10.91
C ALA C 151 1.12 -22.64 9.73
N THR C 152 -0.20 -22.67 9.53
CA THR C 152 -0.86 -21.77 8.60
C THR C 152 -1.31 -20.55 9.40
N VAL C 153 -0.79 -19.38 8.99
CA VAL C 153 -0.97 -18.12 9.69
C VAL C 153 -1.67 -17.16 8.75
N GLY C 154 -2.69 -16.46 9.25
CA GLY C 154 -3.32 -15.40 8.48
C GLY C 154 -2.33 -14.28 8.16
N ASP C 155 -2.22 -13.93 6.86
CA ASP C 155 -1.31 -12.92 6.36
C ASP C 155 -2.03 -11.57 6.37
N ASP C 156 -2.23 -11.03 7.58
CA ASP C 156 -3.25 -10.02 7.85
C ASP C 156 -2.89 -8.66 7.27
N LEU C 157 -1.61 -8.42 6.92
CA LEU C 157 -1.20 -7.19 6.29
C LEU C 157 -1.73 -7.12 4.85
N TYR C 158 -2.18 -8.23 4.28
CA TYR C 158 -2.75 -8.23 2.93
C TYR C 158 -4.22 -8.64 2.98
N ALA C 159 -4.88 -8.45 4.14
CA ALA C 159 -6.28 -8.81 4.33
C ALA C 159 -7.20 -7.68 3.89
N THR C 160 -8.32 -8.00 3.20
CA THR C 160 -9.42 -7.07 2.96
C THR C 160 -10.61 -7.53 3.81
N GLU C 161 -11.79 -6.93 3.61
CA GLU C 161 -12.98 -7.37 4.32
C GLU C 161 -13.52 -8.67 3.72
N THR C 162 -13.27 -8.90 2.41
CA THR C 162 -13.87 -10.02 1.71
C THR C 162 -12.83 -11.11 1.36
N GLU C 163 -11.57 -10.91 1.76
CA GLU C 163 -10.48 -11.85 1.49
C GLU C 163 -9.70 -12.12 2.78
N SER C 164 -8.93 -13.22 2.84
CA SER C 164 -8.13 -13.53 4.02
C SER C 164 -6.94 -14.41 3.66
N PRO C 165 -5.88 -13.89 2.97
CA PRO C 165 -4.76 -14.74 2.55
C PRO C 165 -4.00 -15.24 3.78
N THR C 166 -3.21 -16.30 3.59
CA THR C 166 -2.50 -16.97 4.67
C THR C 166 -1.08 -17.26 4.23
N GLN C 167 -0.27 -17.71 5.19
CA GLN C 167 1.10 -18.09 4.94
C GLN C 167 1.40 -19.34 5.77
N THR C 168 2.30 -20.19 5.27
CA THR C 168 2.69 -21.38 6.01
C THR C 168 4.13 -21.24 6.47
N ILE C 169 4.34 -21.31 7.79
CA ILE C 169 5.67 -21.23 8.37
C ILE C 169 6.03 -22.63 8.84
N LYS C 170 7.11 -23.19 8.30
CA LYS C 170 7.63 -24.46 8.75
C LYS C 170 8.39 -24.22 10.06
N VAL C 171 8.42 -25.25 10.91
CA VAL C 171 9.17 -25.24 12.15
C VAL C 171 10.66 -25.20 11.83
N GLY C 172 11.47 -24.63 12.75
CA GLY C 172 12.92 -24.63 12.64
C GLY C 172 13.53 -23.27 12.30
N LYS C 173 14.86 -23.23 12.40
CA LYS C 173 15.68 -22.05 12.14
C LYS C 173 15.53 -21.56 10.69
N GLN C 174 15.21 -20.27 10.53
CA GLN C 174 15.06 -19.65 9.22
C GLN C 174 15.16 -18.13 9.35
N GLN C 175 15.24 -17.46 8.19
CA GLN C 175 15.24 -16.02 8.10
C GLN C 175 13.80 -15.56 7.86
N MET C 176 13.37 -14.53 8.61
CA MET C 176 12.02 -14.00 8.48
C MET C 176 12.08 -12.50 8.21
N ASN C 177 11.49 -12.08 7.09
CA ASN C 177 11.21 -10.67 6.81
C ASN C 177 10.10 -10.18 7.74
N GLY C 178 9.83 -8.88 7.68
CA GLY C 178 8.95 -8.22 8.64
C GLY C 178 7.56 -8.85 8.67
N SER C 179 7.01 -9.10 7.48
CA SER C 179 5.66 -9.63 7.34
C SER C 179 5.60 -11.04 7.94
N THR C 180 6.61 -11.85 7.62
CA THR C 180 6.67 -13.21 8.16
C THR C 180 6.74 -13.16 9.68
N LEU C 181 7.70 -12.35 10.16
CA LEU C 181 8.02 -12.27 11.57
C LEU C 181 6.80 -11.80 12.36
N LEU C 182 6.11 -10.80 11.82
CA LEU C 182 4.87 -10.34 12.42
C LEU C 182 3.86 -11.49 12.45
N ASN C 183 3.73 -12.19 11.33
CA ASN C 183 2.77 -13.27 11.22
C ASN C 183 3.06 -14.35 12.25
N TYR C 184 4.36 -14.65 12.44
CA TYR C 184 4.82 -15.64 13.39
C TYR C 184 4.47 -15.23 14.83
N ALA C 185 4.59 -13.94 15.11
CA ALA C 185 4.31 -13.38 16.42
C ALA C 185 2.82 -13.37 16.72
N ARG C 186 2.01 -13.35 15.67
CA ARG C 186 0.57 -13.19 15.81
C ARG C 186 -0.14 -14.54 15.90
N PHE C 187 0.53 -15.63 15.47
CA PHE C 187 -0.07 -16.95 15.42
C PHE C 187 -0.46 -17.40 16.82
N ARG C 188 -1.69 -17.92 16.94
CA ARG C 188 -2.21 -18.41 18.20
C ARG C 188 -3.02 -19.69 18.00
N ASP C 189 -2.94 -20.32 16.82
CA ASP C 189 -3.92 -21.35 16.45
C ASP C 189 -3.36 -22.74 16.73
N ASP C 190 -2.95 -22.96 17.98
CA ASP C 190 -2.47 -24.24 18.44
C ASP C 190 -2.96 -24.42 19.88
N ASP C 191 -2.50 -25.50 20.52
CA ASP C 191 -3.06 -25.93 21.79
C ASP C 191 -2.75 -24.91 22.88
N GLU C 192 -1.71 -24.09 22.68
CA GLU C 192 -1.30 -23.12 23.67
C GLU C 192 -2.03 -21.80 23.49
N ALA C 193 -2.71 -21.60 22.37
CA ALA C 193 -3.52 -20.40 22.16
C ALA C 193 -2.70 -19.14 22.46
N ASP C 194 -3.27 -18.14 23.18
CA ASP C 194 -2.63 -16.84 23.40
C ASP C 194 -1.35 -16.97 24.24
N TYR C 195 -1.30 -17.95 25.15
CA TYR C 195 -0.16 -18.14 25.99
C TYR C 195 1.07 -18.41 25.12
N GLY C 196 0.90 -19.25 24.11
CA GLY C 196 2.00 -19.64 23.25
C GLY C 196 2.39 -18.49 22.34
N ARG C 197 1.40 -17.67 21.98
CA ARG C 197 1.64 -16.44 21.27
C ARG C 197 2.56 -15.51 22.09
N THR C 198 2.27 -15.32 23.40
CA THR C 198 3.12 -14.48 24.25
C THR C 198 4.57 -14.96 24.16
N LYS C 199 4.77 -16.27 24.12
CA LYS C 199 6.12 -16.80 24.12
C LYS C 199 6.79 -16.52 22.77
N ARG C 200 6.02 -16.55 21.68
CA ARG C 200 6.60 -16.23 20.38
C ARG C 200 6.91 -14.73 20.30
N GLN C 201 6.09 -13.89 20.94
CA GLN C 201 6.29 -12.46 20.90
C GLN C 201 7.58 -12.12 21.65
N GLN C 202 7.74 -12.71 22.83
CA GLN C 202 8.95 -12.60 23.63
C GLN C 202 10.15 -13.10 22.83
N GLN C 203 9.97 -14.20 22.11
CA GLN C 203 11.05 -14.77 21.33
C GLN C 203 11.51 -13.77 20.25
N VAL C 204 10.53 -13.17 19.55
CA VAL C 204 10.82 -12.25 18.47
C VAL C 204 11.54 -11.01 18.99
N LEU C 205 11.06 -10.47 20.11
CA LEU C 205 11.65 -9.26 20.67
C LEU C 205 13.10 -9.53 21.04
N THR C 206 13.31 -10.64 21.76
CA THR C 206 14.64 -11.09 22.16
C THR C 206 15.54 -11.20 20.93
N ALA C 207 15.03 -11.84 19.87
CA ALA C 207 15.82 -12.08 18.67
C ALA C 207 16.28 -10.76 18.08
N ILE C 208 15.37 -9.78 18.04
CA ILE C 208 15.64 -8.48 17.43
C ILE C 208 16.80 -7.82 18.16
N LEU C 209 16.70 -7.74 19.50
CA LEU C 209 17.72 -7.12 20.33
C LEU C 209 19.07 -7.82 20.12
N GLU C 210 19.06 -9.15 20.06
CA GLU C 210 20.28 -9.93 19.95
C GLU C 210 20.96 -9.72 18.60
N GLN C 211 20.17 -9.46 17.56
CA GLN C 211 20.67 -9.53 16.20
C GLN C 211 20.93 -8.15 15.62
N ILE C 212 20.72 -7.10 16.42
CA ILE C 212 21.16 -5.77 16.02
C ILE C 212 22.69 -5.76 16.01
N LYS C 213 23.25 -5.48 14.82
CA LYS C 213 24.69 -5.33 14.63
C LYS C 213 25.08 -3.87 14.80
N ASP C 214 26.32 -3.63 15.26
CA ASP C 214 26.88 -2.29 15.43
C ASP C 214 25.89 -1.38 16.15
N PRO C 215 25.58 -1.63 17.44
CA PRO C 215 24.78 -0.69 18.22
C PRO C 215 25.55 0.62 18.36
N THR C 216 26.88 0.47 18.34
CA THR C 216 27.81 1.58 18.36
C THR C 216 27.37 2.64 17.36
N LYS C 217 27.12 2.22 16.11
CA LYS C 217 26.72 3.14 15.05
C LYS C 217 25.24 3.47 15.17
N LEU C 218 24.49 2.70 15.96
CA LEU C 218 23.03 2.82 15.96
C LEU C 218 22.62 4.21 16.47
N PHE C 219 22.78 4.46 17.77
CA PHE C 219 22.25 5.67 18.38
C PHE C 219 23.11 6.88 18.00
N THR C 220 24.07 6.72 17.07
CA THR C 220 25.03 7.78 16.77
C THR C 220 25.03 8.05 15.27
N GLY C 221 23.83 8.13 14.67
CA GLY C 221 23.67 8.55 13.29
C GLY C 221 23.40 7.38 12.35
N SER C 222 22.12 7.09 12.11
CA SER C 222 21.70 6.03 11.20
C SER C 222 20.32 6.40 10.65
N GLU C 223 20.21 6.55 9.32
CA GLU C 223 18.94 7.01 8.77
C GLU C 223 17.90 5.90 8.89
N ALA C 224 18.37 4.65 8.92
CA ALA C 224 17.49 3.51 9.16
C ALA C 224 16.79 3.67 10.51
N LEU C 225 17.60 3.81 11.58
CA LEU C 225 17.06 3.95 12.92
C LEU C 225 16.06 5.11 12.96
N GLY C 226 16.35 6.20 12.23
CA GLY C 226 15.44 7.33 12.17
C GLY C 226 14.09 6.96 11.57
N LYS C 227 14.11 6.26 10.43
CA LYS C 227 12.89 5.82 9.79
C LYS C 227 12.07 5.01 10.80
N VAL C 228 12.75 4.15 11.57
CA VAL C 228 12.11 3.34 12.59
C VAL C 228 11.41 4.22 13.62
N PHE C 229 12.18 5.17 14.18
CA PHE C 229 11.65 6.11 15.15
C PHE C 229 10.38 6.76 14.64
N ALA C 230 10.40 7.18 13.37
CA ALA C 230 9.26 7.87 12.76
C ALA C 230 8.01 6.99 12.83
N MET C 231 8.18 5.67 12.80
CA MET C 231 7.06 4.74 12.74
C MET C 231 6.67 4.28 14.15
N THR C 232 7.31 4.83 15.20
CA THR C 232 7.11 4.39 16.57
C THR C 232 6.59 5.53 17.43
N SER C 233 5.78 5.19 18.42
CA SER C 233 5.38 6.14 19.44
C SER C 233 6.06 5.73 20.76
N THR C 234 6.84 6.65 21.35
CA THR C 234 7.60 6.32 22.56
C THR C 234 7.93 7.60 23.30
N ASN C 235 8.05 7.52 24.63
CA ASN C 235 8.50 8.68 25.39
C ASN C 235 9.84 8.38 26.04
N VAL C 236 10.58 7.39 25.53
CA VAL C 236 11.89 7.09 26.09
C VAL C 236 12.87 8.21 25.73
N PRO C 237 13.51 8.90 26.71
CA PRO C 237 14.38 10.02 26.40
C PRO C 237 15.62 9.57 25.63
N TYR C 238 16.07 10.42 24.69
CA TYR C 238 17.16 10.00 23.81
C TYR C 238 18.44 9.78 24.61
N THR C 239 18.67 10.58 25.68
CA THR C 239 19.89 10.37 26.47
C THR C 239 19.78 9.06 27.23
N PHE C 240 18.58 8.63 27.58
CA PHE C 240 18.41 7.34 28.24
C PHE C 240 18.86 6.22 27.31
N LEU C 241 18.54 6.34 26.02
CA LEU C 241 19.02 5.41 25.01
C LEU C 241 20.53 5.47 24.87
N LEU C 242 21.10 6.66 24.92
CA LEU C 242 22.55 6.80 24.78
C LEU C 242 23.30 6.22 25.99
N THR C 243 22.69 6.30 27.19
CA THR C 243 23.35 5.89 28.42
C THR C 243 23.06 4.43 28.74
N ASN C 244 21.94 3.88 28.28
CA ASN C 244 21.52 2.56 28.72
C ASN C 244 21.24 1.65 27.53
N GLY C 245 21.51 2.11 26.31
CA GLY C 245 21.16 1.36 25.11
C GLY C 245 22.02 0.11 24.96
N LEU C 246 23.34 0.25 25.00
CA LEU C 246 24.21 -0.90 24.82
C LEU C 246 24.06 -1.88 25.97
N SER C 247 23.73 -1.39 27.17
CA SER C 247 23.46 -2.27 28.31
C SER C 247 22.26 -3.17 28.02
N VAL C 248 21.24 -2.63 27.36
CA VAL C 248 20.04 -3.39 27.05
C VAL C 248 20.34 -4.41 25.95
N LEU C 249 21.11 -4.01 24.95
CA LEU C 249 21.49 -4.92 23.86
C LEU C 249 22.40 -6.03 24.35
N ASP C 250 23.27 -5.71 25.33
CA ASP C 250 24.15 -6.70 25.93
C ASP C 250 23.38 -7.55 26.92
N GLY C 251 22.53 -6.93 27.75
CA GLY C 251 21.69 -7.66 28.69
C GLY C 251 20.85 -8.73 28.00
N ALA C 252 20.52 -8.50 26.72
CA ALA C 252 19.78 -9.45 25.90
C ALA C 252 20.63 -10.68 25.54
N LYS C 253 21.93 -10.46 25.34
CA LYS C 253 22.86 -11.54 25.04
C LYS C 253 23.01 -12.43 26.28
N ASN C 254 22.96 -11.83 27.47
CA ASN C 254 23.00 -12.59 28.71
C ASN C 254 21.71 -13.37 28.96
N GLY C 255 20.68 -13.11 28.15
CA GLY C 255 19.43 -13.83 28.28
C GLY C 255 18.48 -13.18 29.27
N ILE C 256 17.19 -13.24 28.94
CA ILE C 256 16.15 -12.46 29.59
C ILE C 256 15.29 -13.39 30.41
N GLU C 257 15.12 -13.06 31.69
CA GLU C 257 14.13 -13.69 32.55
C GLU C 257 12.74 -13.29 32.05
N LYS C 258 11.93 -14.29 31.68
CA LYS C 258 10.66 -14.10 31.01
C LYS C 258 9.55 -14.66 31.88
N LEU C 259 8.41 -14.00 31.87
CA LEU C 259 7.22 -14.50 32.52
C LEU C 259 6.02 -14.10 31.66
N THR C 260 5.04 -15.00 31.56
CA THR C 260 3.72 -14.62 31.07
C THR C 260 2.76 -14.61 32.27
N ILE C 261 1.90 -13.59 32.33
CA ILE C 261 0.91 -13.51 33.38
C ILE C 261 -0.47 -13.56 32.72
N PRO C 262 -1.34 -14.53 33.09
CA PRO C 262 -0.98 -15.64 33.97
C PRO C 262 -0.14 -16.69 33.24
N GLU C 263 0.42 -17.62 34.00
CA GLU C 263 1.12 -18.76 33.40
C GLU C 263 0.12 -19.79 32.88
N LEU C 264 0.60 -20.67 31.99
CA LEU C 264 -0.22 -21.64 31.29
C LEU C 264 -1.09 -22.44 32.27
N GLY C 265 -2.40 -22.39 32.04
CA GLY C 265 -3.34 -23.09 32.88
C GLY C 265 -3.63 -22.37 34.19
N ASP C 266 -2.84 -21.36 34.58
CA ASP C 266 -2.93 -20.86 35.95
C ASP C 266 -3.96 -19.76 36.03
N TRP C 267 -5.19 -20.11 35.66
CA TRP C 267 -6.28 -19.15 35.61
C TRP C 267 -7.62 -19.88 35.60
N VAL C 268 -8.70 -19.15 35.89
CA VAL C 268 -10.07 -19.63 35.76
C VAL C 268 -10.78 -18.81 34.68
N ASP C 269 -11.48 -19.48 33.76
CA ASP C 269 -12.20 -18.81 32.68
C ASP C 269 -13.42 -18.12 33.27
N ALA C 270 -13.72 -16.89 32.81
CA ALA C 270 -14.86 -16.16 33.34
C ALA C 270 -15.29 -15.06 32.36
N TYR C 271 -16.56 -14.70 32.44
CA TYR C 271 -17.14 -13.75 31.52
C TYR C 271 -16.82 -12.33 31.98
N ASP C 272 -16.45 -11.47 31.04
CA ASP C 272 -16.39 -10.02 31.30
C ASP C 272 -17.82 -9.45 31.26
N VAL C 273 -17.96 -8.13 31.46
CA VAL C 273 -19.29 -7.52 31.53
C VAL C 273 -19.94 -7.54 30.15
N TYR C 274 -19.19 -7.86 29.10
CA TYR C 274 -19.72 -7.84 27.73
C TYR C 274 -20.11 -9.24 27.28
N GLY C 275 -19.88 -10.25 28.14
CA GLY C 275 -20.20 -11.62 27.80
C GLY C 275 -19.09 -12.28 26.99
N GLY C 276 -17.93 -11.62 26.89
CA GLY C 276 -16.73 -12.25 26.36
C GLY C 276 -16.05 -13.10 27.45
N LEU C 277 -15.13 -13.96 27.03
CA LEU C 277 -14.48 -14.89 27.96
C LEU C 277 -13.06 -14.43 28.24
N GLY C 278 -12.71 -14.31 29.53
CA GLY C 278 -11.41 -13.82 29.92
C GLY C 278 -10.75 -14.70 30.97
N LEU C 279 -9.59 -14.24 31.47
CA LEU C 279 -8.83 -15.01 32.45
C LEU C 279 -8.96 -14.31 33.80
N LEU C 280 -9.51 -15.01 34.78
CA LEU C 280 -9.52 -14.56 36.15
C LEU C 280 -8.27 -15.13 36.82
N VAL C 281 -7.41 -14.26 37.34
CA VAL C 281 -6.10 -14.66 37.81
C VAL C 281 -5.97 -14.22 39.27
N ASP C 282 -5.04 -14.86 39.96
CA ASP C 282 -4.72 -14.54 41.35
C ASP C 282 -3.67 -13.41 41.34
N GLN C 283 -4.14 -12.16 41.41
CA GLN C 283 -3.29 -11.00 41.14
C GLN C 283 -2.24 -10.86 42.24
N ASN C 284 -2.66 -11.10 43.51
CA ASN C 284 -1.77 -11.13 44.66
C ASN C 284 -0.56 -12.01 44.41
N LYS C 285 -0.81 -13.27 44.06
CA LYS C 285 0.27 -14.20 43.82
C LYS C 285 1.22 -13.61 42.77
N TYR C 286 0.69 -13.04 41.68
CA TYR C 286 1.51 -12.49 40.61
C TYR C 286 2.19 -11.19 41.05
N GLN C 287 1.60 -10.44 41.96
CA GLN C 287 2.28 -9.28 42.54
C GLN C 287 3.54 -9.72 43.29
N THR C 288 3.47 -10.85 44.00
CA THR C 288 4.60 -11.40 44.76
C THR C 288 5.69 -11.85 43.78
N LYS C 289 5.31 -12.46 42.67
CA LYS C 289 6.24 -12.96 41.68
C LYS C 289 6.97 -11.79 41.04
N LEU C 290 6.22 -10.73 40.78
CA LEU C 290 6.78 -9.55 40.13
C LEU C 290 7.81 -8.92 41.08
N ALA C 291 7.47 -8.89 42.38
CA ALA C 291 8.38 -8.42 43.40
C ALA C 291 9.65 -9.27 43.41
N GLN C 292 9.47 -10.59 43.37
CA GLN C 292 10.60 -11.50 43.40
C GLN C 292 11.47 -11.34 42.16
N MET C 293 10.87 -10.96 41.02
CA MET C 293 11.64 -10.75 39.80
C MET C 293 12.32 -9.39 39.78
N GLY C 294 11.93 -8.50 40.69
CA GLY C 294 12.55 -7.19 40.82
C GLY C 294 11.86 -6.09 40.00
N LEU C 295 10.58 -6.27 39.65
CA LEU C 295 9.85 -5.29 38.86
C LEU C 295 9.05 -4.37 39.79
N ARG C 296 8.81 -4.79 41.03
CA ARG C 296 8.12 -3.90 41.96
C ARG C 296 8.74 -4.01 43.34
N ALA C 297 9.45 -5.08 43.62
CA ALA C 297 10.29 -5.06 44.81
C ALA C 297 9.61 -4.25 45.92
N ALA C 298 8.34 -4.58 46.23
CA ALA C 298 7.55 -3.81 47.18
C ALA C 298 6.98 -4.69 48.30
N ALA C 299 6.53 -4.02 49.38
CA ALA C 299 5.70 -4.63 50.41
C ALA C 299 4.23 -4.42 50.01
#